data_5I4R
#
_entry.id   5I4R
#
_cell.length_a   74.395
_cell.length_b   128.354
_cell.length_c   100.358
_cell.angle_alpha   90.00
_cell.angle_beta   109.58
_cell.angle_gamma   90.00
#
_symmetry.space_group_name_H-M   'P 1 21 1'
#
loop_
_entity.id
_entity.type
_entity.pdbx_description
1 polymer 'Contact-dependent inhibitor A'
2 polymer 'Elongation factor Tu'
3 polymer 'Elongation factor Tu'
4 polymer 'Contact-dependent inhibitor I'
5 non-polymer "GUANOSINE-5'-DIPHOSPHATE"
#
loop_
_entity_poly.entity_id
_entity_poly.type
_entity_poly.pdbx_seq_one_letter_code
_entity_poly.pdbx_strand_id
1 'polypeptide(L)'
;LSYLGIGKKISFDGDFYTVDG(MSE)KFSKSYYEKLWEQGRPAPFVQAREVLNSNPKIEPDPRGAPGYLRYEGAGLE
(MSE)IYNPKTGQVGHIQPVKVK
;
A,E
2 'polypeptide(L)' MSKEKFERTKPHVNVGTIGHVDHGKTTLTAAITTVLAKTYGGAAR C,G
3 'polypeptide(L)'
;GITINTSHVEYDTPTRHYAHVDCPGHADYVKNMITGAAQMDGAILVVAATDGPMPQTREHILLGRQVGVPYIIVFLNKCD
MVDDEELLELVEMEVRELLSQYDFPGDDTPIVRGSALKALEGDAEWEAKILELAGFLDSYIPEPERAIDKPFLLPIEDVF
SISGRGTVVTGRVERGIIKVGEEVEIVGIKETQKSTCTGVEMFRKLLDEGRAGENVGVLLRGIKREEIERGQVLAKPGTI
KPHTKFESEVYILSKDEGGRHTPFFKGYRPQFYFRTTDVTGTIELPEGVEMVMPGDNIKMVVTLIHPIAMDDGLRFAIRE
GGRTVGAGVVAKVLG
;
D,H
4 'polypeptide(L)'
;(MSE)DIWPEFQRDLE(MSE)YRDVVLSIKRNLRLYEECIESLVHQIGSTNFDNAQPLFDDLFR(MSE)QSELAT(MSE)
LYKYEYKPGKRIQDLIYHLDRDDFYSRKYWHKKFSDGLAWPEAGHHHHHH
;
B,F
#
loop_
_chem_comp.id
_chem_comp.type
_chem_comp.name
_chem_comp.formula
GDP RNA linking GUANOSINE-5'-DIPHOSPHATE 'C10 H15 N5 O11 P2'
#
# COMPACT_ATOMS: atom_id res chain seq x y z
N GLY A 5 -22.46 -37.93 7.09
CA GLY A 5 -23.85 -37.64 7.53
C GLY A 5 -23.90 -36.48 8.51
N ILE A 6 -23.88 -36.81 9.81
CA ILE A 6 -23.99 -35.81 10.85
C ILE A 6 -22.63 -35.41 11.39
N GLY A 7 -22.64 -34.35 12.20
CA GLY A 7 -21.46 -33.87 12.90
C GLY A 7 -20.74 -34.91 13.73
N LYS A 8 -19.44 -35.08 13.45
CA LYS A 8 -18.56 -35.94 14.24
C LYS A 8 -17.53 -35.08 14.97
N LYS A 9 -17.47 -35.24 16.27
CA LYS A 9 -16.59 -34.45 17.11
C LYS A 9 -15.15 -34.81 16.82
N ILE A 10 -14.29 -33.81 16.75
CA ILE A 10 -12.84 -34.02 16.70
C ILE A 10 -12.36 -34.05 18.16
N SER A 11 -11.69 -35.15 18.53
CA SER A 11 -11.14 -35.32 19.87
C SER A 11 -9.69 -34.91 19.91
N PHE A 12 -9.29 -34.40 21.07
CA PHE A 12 -7.93 -33.94 21.30
C PHE A 12 -7.46 -34.54 22.63
N ASP A 13 -6.38 -35.32 22.59
CA ASP A 13 -5.82 -35.91 23.80
C ASP A 13 -4.48 -35.27 24.23
N GLY A 14 -4.20 -34.03 23.86
CA GLY A 14 -2.91 -33.38 24.17
C GLY A 14 -1.87 -33.57 23.07
N ASP A 15 -1.89 -34.72 22.41
CA ASP A 15 -0.88 -35.09 21.41
C ASP A 15 -1.43 -35.16 19.99
N PHE A 16 -2.69 -35.56 19.85
CA PHE A 16 -3.28 -35.80 18.54
C PHE A 16 -4.68 -35.25 18.44
N TYR A 17 -5.08 -34.93 17.21
CA TYR A 17 -6.47 -34.69 16.91
C TYR A 17 -6.97 -35.91 16.15
N THR A 18 -8.14 -36.41 16.53
CA THR A 18 -8.61 -37.68 16.02
C THR A 18 -10.06 -37.57 15.66
N VAL A 19 -10.46 -38.26 14.59
CA VAL A 19 -11.86 -38.35 14.18
C VAL A 19 -11.98 -39.32 12.99
N ASP A 20 -13.06 -40.12 12.95
CA ASP A 20 -13.39 -41.03 11.82
C ASP A 20 -12.24 -42.03 11.55
N GLY A 21 -11.57 -42.43 12.62
CA GLY A 21 -10.41 -43.32 12.46
C GLY A 21 -9.16 -42.69 11.87
N MSE A 22 -9.12 -41.37 11.72
CA MSE A 22 -7.92 -40.67 11.28
C MSE A 22 -7.32 -39.89 12.41
O MSE A 22 -8.02 -39.46 13.34
CB MSE A 22 -8.21 -39.67 10.17
CG MSE A 22 -8.67 -40.36 8.90
SE MSE A 22 -9.62 -39.03 7.80
CE MSE A 22 -11.08 -40.18 7.15
N LYS A 23 -6.01 -39.65 12.35
CA LYS A 23 -5.42 -38.75 13.31
C LYS A 23 -4.23 -38.01 12.76
N PHE A 24 -4.07 -36.80 13.31
CA PHE A 24 -2.95 -35.89 13.02
C PHE A 24 -2.29 -35.46 14.34
N SER A 25 -0.95 -35.40 14.38
CA SER A 25 -0.31 -34.75 15.53
C SER A 25 -0.78 -33.29 15.71
N LYS A 26 -0.74 -32.83 16.95
CA LYS A 26 -1.13 -31.49 17.29
C LYS A 26 -0.45 -30.48 16.39
N SER A 27 0.86 -30.55 16.27
CA SER A 27 1.56 -29.48 15.62
C SER A 27 1.34 -29.57 14.12
N TYR A 28 1.33 -30.79 13.57
CA TYR A 28 1.17 -30.90 12.12
C TYR A 28 -0.21 -30.39 11.71
N TYR A 29 -1.22 -30.76 12.50
CA TYR A 29 -2.57 -30.29 12.25
C TYR A 29 -2.65 -28.77 12.20
N GLU A 30 -2.04 -28.12 13.18
CA GLU A 30 -2.13 -26.67 13.26
C GLU A 30 -1.35 -26.00 12.15
N LYS A 31 -0.25 -26.64 11.77
CA LYS A 31 0.64 -26.12 10.75
C LYS A 31 -0.09 -26.05 9.41
N LEU A 32 -0.84 -27.09 9.09
CA LEU A 32 -1.56 -27.15 7.84
C LEU A 32 -2.58 -26.03 7.74
N TRP A 33 -3.41 -25.83 8.74
CA TRP A 33 -4.31 -24.65 8.69
C TRP A 33 -3.56 -23.31 8.59
N GLU A 34 -2.49 -23.19 9.32
CA GLU A 34 -1.72 -21.99 9.36
C GLU A 34 -1.07 -21.71 8.04
N GLN A 35 -0.66 -22.71 7.30
CA GLN A 35 0.05 -22.48 6.03
C GLN A 35 -0.85 -22.31 4.82
N GLY A 36 -2.16 -22.35 5.03
CA GLY A 36 -3.06 -22.18 3.93
C GLY A 36 -3.44 -23.49 3.27
N ARG A 37 -3.33 -24.59 4.04
CA ARG A 37 -3.84 -25.90 3.61
C ARG A 37 -4.90 -26.41 4.59
N PRO A 38 -6.06 -25.78 4.58
CA PRO A 38 -7.10 -26.07 5.53
C PRO A 38 -7.76 -27.42 5.31
N ALA A 39 -8.51 -27.82 6.33
CA ALA A 39 -9.35 -29.00 6.34
C ALA A 39 -8.56 -30.26 6.03
N PRO A 40 -7.54 -30.57 6.86
CA PRO A 40 -6.73 -31.75 6.65
C PRO A 40 -7.45 -33.09 6.75
N PHE A 41 -8.50 -33.18 7.57
CA PHE A 41 -9.28 -34.40 7.63
C PHE A 41 -10.07 -34.59 6.37
N VAL A 42 -10.64 -33.50 5.87
CA VAL A 42 -11.31 -33.56 4.57
C VAL A 42 -10.34 -33.98 3.46
N GLN A 43 -9.15 -33.36 3.40
CA GLN A 43 -8.14 -33.79 2.40
C GLN A 43 -7.82 -35.29 2.50
N ALA A 44 -7.57 -35.76 3.72
CA ALA A 44 -7.13 -37.16 3.91
C ALA A 44 -8.24 -38.15 3.54
N ARG A 45 -9.46 -37.80 3.90
CA ARG A 45 -10.60 -38.60 3.51
C ARG A 45 -10.74 -38.67 2.00
N GLU A 46 -10.55 -37.54 1.33
CA GLU A 46 -10.58 -37.57 -0.14
C GLU A 46 -9.57 -38.57 -0.65
N VAL A 47 -8.37 -38.60 -0.06
CA VAL A 47 -7.38 -39.54 -0.57
C VAL A 47 -7.86 -40.98 -0.36
N LEU A 48 -8.36 -41.27 0.85
CA LEU A 48 -8.72 -42.60 1.22
C LEU A 48 -9.87 -43.10 0.35
N ASN A 49 -10.74 -42.19 -0.11
CA ASN A 49 -11.92 -42.49 -0.93
C ASN A 49 -11.70 -42.33 -2.45
N SER A 50 -10.45 -42.22 -2.87
CA SER A 50 -10.15 -41.96 -4.28
C SER A 50 -9.61 -43.18 -5.01
N ASN A 51 -9.84 -44.37 -4.46
CA ASN A 51 -9.11 -45.57 -4.86
C ASN A 51 -7.64 -45.27 -5.02
N PRO A 52 -6.99 -44.92 -3.94
CA PRO A 52 -5.64 -44.44 -4.12
C PRO A 52 -4.63 -45.55 -4.49
N LYS A 53 -3.55 -45.17 -5.17
CA LYS A 53 -2.40 -46.00 -5.40
C LYS A 53 -1.64 -46.10 -4.07
N ILE A 54 -1.37 -47.32 -3.64
CA ILE A 54 -0.81 -47.56 -2.33
C ILE A 54 0.52 -48.25 -2.53
N GLU A 55 1.55 -47.74 -1.87
CA GLU A 55 2.90 -48.31 -1.91
C GLU A 55 3.55 -48.18 -0.53
N PRO A 56 4.68 -48.89 -0.30
CA PRO A 56 5.41 -48.66 0.96
C PRO A 56 5.89 -47.21 1.06
N ASP A 57 6.00 -46.67 2.27
CA ASP A 57 6.67 -45.38 2.43
C ASP A 57 8.07 -45.42 1.78
N PRO A 58 8.34 -44.57 0.76
CA PRO A 58 9.69 -44.56 0.17
C PRO A 58 10.80 -44.21 1.17
N ARG A 59 10.52 -43.43 2.20
CA ARG A 59 11.52 -43.16 3.22
C ARG A 59 11.62 -44.25 4.27
N GLY A 60 10.71 -45.21 4.29
CA GLY A 60 10.82 -46.32 5.25
C GLY A 60 10.40 -46.09 6.69
N ALA A 61 9.57 -45.07 6.96
CA ALA A 61 9.01 -44.93 8.28
C ALA A 61 8.16 -46.18 8.64
N PRO A 62 8.35 -46.74 9.86
CA PRO A 62 7.70 -48.03 10.11
C PRO A 62 6.19 -47.91 10.28
N GLY A 63 5.45 -48.85 9.69
CA GLY A 63 3.97 -48.85 9.68
C GLY A 63 3.33 -47.98 8.60
N TYR A 64 4.11 -47.15 7.92
CA TYR A 64 3.55 -46.11 7.06
C TYR A 64 3.55 -46.58 5.62
N LEU A 65 2.56 -46.09 4.87
CA LEU A 65 2.49 -46.29 3.42
C LEU A 65 2.28 -44.98 2.71
N ARG A 66 2.68 -44.95 1.45
CA ARG A 66 2.37 -43.82 0.60
C ARG A 66 1.10 -44.07 -0.22
N TYR A 67 0.14 -43.16 -0.08
CA TYR A 67 -1.12 -43.16 -0.79
C TYR A 67 -1.17 -41.97 -1.74
N GLU A 68 -1.66 -42.22 -2.94
CA GLU A 68 -1.76 -41.15 -3.93
C GLU A 68 -3.13 -41.16 -4.59
N GLY A 69 -3.83 -40.04 -4.50
CA GLY A 69 -5.11 -39.90 -5.13
C GLY A 69 -5.69 -38.55 -4.80
N ALA A 70 -6.71 -38.16 -5.55
CA ALA A 70 -7.38 -36.88 -5.38
C ALA A 70 -6.44 -35.69 -5.48
N GLY A 71 -5.40 -35.81 -6.29
CA GLY A 71 -4.46 -34.73 -6.43
C GLY A 71 -3.44 -34.59 -5.31
N LEU A 72 -3.38 -35.57 -4.41
CA LEU A 72 -2.53 -35.45 -3.23
C LEU A 72 -1.77 -36.77 -3.01
N GLU A 73 -0.71 -36.66 -2.22
CA GLU A 73 0.14 -37.74 -1.77
C GLU A 73 0.14 -37.63 -0.29
N MSE A 74 0.03 -38.78 0.33
CA MSE A 74 -0.08 -38.87 1.75
C MSE A 74 0.72 -40.03 2.28
O MSE A 74 0.82 -41.10 1.65
CB MSE A 74 -1.56 -39.04 2.00
CG MSE A 74 -1.89 -39.59 3.37
SE MSE A 74 -3.84 -39.53 3.68
CE MSE A 74 -4.29 -41.48 3.62
N ILE A 75 1.31 -39.82 3.45
CA ILE A 75 2.03 -40.82 4.18
C ILE A 75 1.15 -41.10 5.41
N TYR A 76 0.69 -42.35 5.50
CA TYR A 76 -0.43 -42.78 6.36
C TYR A 76 -0.20 -44.18 6.92
N ASN A 77 -0.52 -44.32 8.20
CA ASN A 77 -0.38 -45.57 8.92
C ASN A 77 -1.76 -46.19 9.06
N PRO A 78 -2.10 -47.17 8.18
CA PRO A 78 -3.41 -47.82 8.26
C PRO A 78 -3.73 -48.51 9.62
N LYS A 79 -2.72 -48.90 10.41
CA LYS A 79 -2.96 -49.44 11.75
C LYS A 79 -3.37 -48.35 12.74
N THR A 80 -2.61 -47.26 12.85
CA THR A 80 -2.90 -46.22 13.83
C THR A 80 -3.88 -45.17 13.29
N GLY A 81 -4.07 -45.10 11.99
CA GLY A 81 -4.87 -44.04 11.39
C GLY A 81 -4.15 -42.70 11.28
N GLN A 82 -2.86 -42.66 11.58
CA GLN A 82 -2.16 -41.38 11.59
C GLN A 82 -1.76 -41.01 10.19
N VAL A 83 -2.15 -39.78 9.82
CA VAL A 83 -1.63 -39.10 8.63
C VAL A 83 -0.34 -38.40 9.01
N GLY A 84 0.80 -38.91 8.56
CA GLY A 84 2.09 -38.30 8.95
C GLY A 84 2.50 -37.12 8.08
N HIS A 85 2.03 -37.15 6.84
CA HIS A 85 2.31 -36.12 5.88
C HIS A 85 1.36 -36.18 4.68
N ILE A 86 0.93 -35.01 4.23
CA ILE A 86 0.01 -34.90 3.11
C ILE A 86 0.29 -33.56 2.39
N GLN A 87 0.38 -33.60 1.06
CA GLN A 87 0.64 -32.42 0.22
C GLN A 87 0.16 -32.69 -1.22
N PRO A 88 -0.07 -31.64 -2.03
CA PRO A 88 -0.44 -31.83 -3.43
C PRO A 88 0.65 -32.54 -4.22
N VAL A 89 0.31 -33.27 -5.26
CA VAL A 89 1.36 -33.91 -6.07
C VAL A 89 2.24 -32.89 -6.73
N LYS A 90 3.44 -33.32 -7.13
CA LYS A 90 4.37 -32.43 -7.80
C LYS A 90 3.74 -31.88 -9.06
N VAL A 91 3.88 -30.58 -9.24
CA VAL A 91 3.34 -29.87 -10.43
C VAL A 91 3.93 -30.42 -11.74
N THR B 9 -27.41 -19.31 33.57
CA THR B 9 -27.16 -18.22 32.57
C THR B 9 -28.43 -17.37 32.36
N LYS B 10 -28.29 -16.06 32.57
CA LYS B 10 -29.37 -15.07 32.48
C LYS B 10 -29.34 -14.38 31.11
N PRO B 11 -30.50 -13.94 30.56
CA PRO B 11 -30.47 -13.28 29.25
C PRO B 11 -29.77 -11.92 29.23
N HIS B 12 -28.79 -11.75 28.33
CA HIS B 12 -28.08 -10.49 28.15
C HIS B 12 -28.79 -9.63 27.11
N VAL B 13 -28.89 -8.32 27.38
CA VAL B 13 -29.56 -7.37 26.49
C VAL B 13 -28.82 -6.05 26.52
N ASN B 14 -28.55 -5.48 25.34
CA ASN B 14 -27.90 -4.18 25.23
C ASN B 14 -28.92 -3.10 24.92
N VAL B 15 -28.99 -2.09 25.78
CA VAL B 15 -29.87 -0.94 25.59
C VAL B 15 -29.05 0.33 25.68
N GLY B 16 -29.69 1.46 25.43
CA GLY B 16 -29.03 2.76 25.53
C GLY B 16 -30.00 3.90 25.68
N THR B 17 -29.47 5.06 26.06
CA THR B 17 -30.27 6.27 26.23
C THR B 17 -30.00 7.26 25.10
N ILE B 18 -31.07 7.79 24.52
CA ILE B 18 -30.99 8.79 23.46
C ILE B 18 -31.91 9.95 23.78
N GLY B 19 -31.70 11.07 23.10
CA GLY B 19 -32.55 12.24 23.28
C GLY B 19 -31.75 13.53 23.30
N HIS B 20 -32.46 14.64 23.48
CA HIS B 20 -31.85 15.97 23.37
C HIS B 20 -31.06 16.32 24.65
N VAL B 21 -30.20 17.32 24.54
CA VAL B 21 -29.36 17.82 25.64
C VAL B 21 -30.18 18.29 26.86
N ASP B 22 -29.64 18.06 28.07
CA ASP B 22 -30.25 18.48 29.35
C ASP B 22 -31.64 17.87 29.69
N HIS B 23 -32.09 16.88 28.91
CA HIS B 23 -33.42 16.29 29.15
C HIS B 23 -33.39 15.22 30.23
N GLY B 24 -32.19 14.76 30.61
CA GLY B 24 -32.00 13.84 31.74
C GLY B 24 -31.50 12.44 31.39
N LYS B 25 -30.69 12.33 30.35
CA LYS B 25 -30.19 11.04 29.87
C LYS B 25 -29.17 10.46 30.86
N THR B 26 -28.20 11.29 31.26
CA THR B 26 -27.19 10.91 32.26
C THR B 26 -27.81 10.68 33.64
N THR B 27 -28.83 11.47 33.99
CA THR B 27 -29.57 11.28 35.25
C THR B 27 -30.36 9.97 35.27
N LEU B 28 -31.09 9.69 34.19
CA LEU B 28 -31.89 8.46 34.10
C LEU B 28 -31.03 7.21 34.11
N THR B 29 -29.89 7.25 33.42
CA THR B 29 -28.92 6.15 33.42
C THR B 29 -28.49 5.81 34.85
N ALA B 30 -28.25 6.84 35.67
CA ALA B 30 -27.89 6.67 37.07
C ALA B 30 -29.09 6.21 37.92
N ALA B 31 -30.25 6.80 37.69
CA ALA B 31 -31.48 6.46 38.43
C ALA B 31 -31.90 5.00 38.25
N ILE B 32 -31.76 4.47 37.03
CA ILE B 32 -32.14 3.09 36.75
C ILE B 32 -31.29 2.13 37.56
N THR B 33 -29.97 2.23 37.41
CA THR B 33 -29.08 1.31 38.12
C THR B 33 -29.19 1.39 39.66
N THR B 34 -29.53 2.57 40.19
CA THR B 34 -29.71 2.76 41.65
C THR B 34 -30.97 2.07 42.20
N VAL B 35 -32.09 2.24 41.50
CA VAL B 35 -33.38 1.70 41.93
C VAL B 35 -33.37 0.17 41.83
N LEU B 36 -33.06 -0.37 40.64
CA LEU B 36 -33.05 -1.82 40.47
C LEU B 36 -32.12 -2.51 41.48
N ALA B 37 -30.97 -1.91 41.76
CA ALA B 37 -30.09 -2.39 42.83
C ALA B 37 -30.82 -2.47 44.17
N LYS B 38 -31.43 -1.35 44.56
CA LYS B 38 -32.16 -1.25 45.82
C LYS B 38 -33.34 -2.25 45.93
N THR B 39 -34.03 -2.47 44.82
CA THR B 39 -35.23 -3.32 44.78
C THR B 39 -34.90 -4.81 44.63
N TYR B 40 -34.34 -5.18 43.48
CA TYR B 40 -34.11 -6.58 43.13
C TYR B 40 -32.70 -7.09 43.56
N GLY B 41 -31.86 -6.20 44.09
CA GLY B 41 -30.46 -6.53 44.38
C GLY B 41 -29.59 -6.74 43.16
N GLY B 42 -29.82 -5.97 42.10
CA GLY B 42 -28.97 -6.07 40.91
C GLY B 42 -27.57 -5.53 41.12
N GLY C 1 -7.04 5.99 14.41
CA GLY C 1 -8.03 5.36 15.29
C GLY C 1 -9.16 6.30 15.71
N ILE C 2 -10.40 5.90 15.46
CA ILE C 2 -11.57 6.59 16.00
C ILE C 2 -11.51 6.62 17.54
N THR C 3 -12.20 7.60 18.14
CA THR C 3 -12.31 7.74 19.60
C THR C 3 -13.78 7.91 19.99
N ILE C 4 -14.30 7.02 20.83
CA ILE C 4 -15.69 7.12 21.34
C ILE C 4 -15.66 7.11 22.86
N ASN C 5 -16.21 8.16 23.47
CA ASN C 5 -16.34 8.29 24.93
C ASN C 5 -17.75 7.82 25.31
N THR C 6 -17.82 6.75 26.11
CA THR C 6 -19.10 6.21 26.59
C THR C 6 -19.01 5.85 28.07
N SER C 7 -20.18 5.73 28.69
CA SER C 7 -20.30 5.25 30.04
C SER C 7 -21.05 3.94 29.95
N HIS C 8 -20.54 2.91 30.60
CA HIS C 8 -21.20 1.62 30.66
C HIS C 8 -21.72 1.40 32.06
N VAL C 9 -23.02 1.28 32.18
CA VAL C 9 -23.67 0.95 33.42
C VAL C 9 -24.33 -0.38 33.22
N GLU C 10 -24.41 -1.18 34.27
CA GLU C 10 -25.03 -2.50 34.19
C GLU C 10 -26.03 -2.67 35.31
N TYR C 11 -27.25 -3.11 34.98
CA TYR C 11 -28.27 -3.41 35.98
C TYR C 11 -29.03 -4.69 35.66
N ASP C 12 -29.72 -5.20 36.68
CA ASP C 12 -30.49 -6.44 36.60
C ASP C 12 -31.94 -6.23 37.07
N THR C 13 -32.87 -6.60 36.19
CA THR C 13 -34.28 -6.82 36.55
C THR C 13 -34.36 -8.28 37.00
N PRO C 14 -35.48 -8.71 37.63
CA PRO C 14 -35.45 -10.07 38.15
C PRO C 14 -35.31 -11.17 37.08
N THR C 15 -35.71 -10.88 35.84
CA THR C 15 -35.61 -11.84 34.74
C THR C 15 -34.40 -11.66 33.83
N ARG C 16 -33.93 -10.42 33.62
CA ARG C 16 -32.87 -10.15 32.63
C ARG C 16 -31.73 -9.24 33.11
N HIS C 17 -30.56 -9.42 32.49
CA HIS C 17 -29.37 -8.62 32.75
C HIS C 17 -29.20 -7.61 31.62
N TYR C 18 -29.04 -6.34 31.97
CA TYR C 18 -28.96 -5.26 30.98
C TYR C 18 -27.58 -4.60 30.97
N ALA C 19 -27.11 -4.26 29.77
CA ALA C 19 -25.88 -3.48 29.58
C ALA C 19 -26.30 -2.17 28.92
N HIS C 20 -26.21 -1.09 29.70
CA HIS C 20 -26.71 0.24 29.33
C HIS C 20 -25.54 1.10 28.89
N VAL C 21 -25.68 1.78 27.74
CA VAL C 21 -24.60 2.61 27.16
C VAL C 21 -25.08 4.05 26.90
N ASP C 22 -24.66 4.96 27.77
CA ASP C 22 -24.98 6.38 27.67
C ASP C 22 -23.72 7.17 27.27
N CYS C 23 -23.90 8.25 26.50
CA CYS C 23 -22.79 9.04 25.94
C CYS C 23 -22.88 10.51 26.32
N PRO C 24 -21.72 11.15 26.65
CA PRO C 24 -21.78 12.57 27.04
C PRO C 24 -22.17 13.55 25.91
N GLY C 25 -21.50 13.46 24.76
CA GLY C 25 -21.67 14.42 23.69
C GLY C 25 -22.70 13.96 22.67
N HIS C 26 -23.42 14.91 22.07
CA HIS C 26 -24.28 14.59 20.93
C HIS C 26 -23.49 13.85 19.84
N ALA C 27 -22.27 14.34 19.56
CA ALA C 27 -21.37 13.71 18.57
C ALA C 27 -20.97 12.26 18.91
N ASP C 28 -20.89 11.95 20.21
CA ASP C 28 -20.58 10.59 20.66
C ASP C 28 -21.75 9.61 20.49
N TYR C 29 -22.99 10.06 20.69
CA TYR C 29 -24.18 9.23 20.42
C TYR C 29 -24.22 8.78 18.97
N VAL C 30 -23.88 9.70 18.06
CA VAL C 30 -23.86 9.41 16.62
C VAL C 30 -22.77 8.37 16.34
N LYS C 31 -21.55 8.69 16.75
CA LYS C 31 -20.40 7.77 16.62
C LYS C 31 -20.70 6.38 17.15
N ASN C 32 -21.43 6.30 18.25
CA ASN C 32 -21.78 5.01 18.85
C ASN C 32 -22.88 4.28 18.09
N MET C 33 -23.94 4.98 17.66
CA MET C 33 -25.02 4.31 16.91
C MET C 33 -24.54 3.71 15.57
N ILE C 34 -23.61 4.37 14.90
CA ILE C 34 -23.09 3.92 13.60
C ILE C 34 -22.00 2.84 13.72
N THR C 35 -21.08 3.01 14.67
CA THR C 35 -20.03 2.03 14.94
C THR C 35 -20.07 1.59 16.38
N GLY C 36 -21.19 1.04 16.81
CA GLY C 36 -21.29 0.54 18.19
C GLY C 36 -20.16 -0.39 18.59
N ALA C 37 -19.74 -0.23 19.83
CA ALA C 37 -19.13 -1.32 20.59
C ALA C 37 -20.09 -2.52 20.52
N ALA C 38 -21.34 -2.31 20.95
CA ALA C 38 -22.43 -3.27 20.75
C ALA C 38 -23.63 -2.60 20.06
N GLN C 39 -24.43 -3.43 19.40
CA GLN C 39 -25.64 -2.95 18.74
C GLN C 39 -26.76 -2.89 19.75
N MET C 40 -27.47 -1.76 19.79
CA MET C 40 -28.62 -1.59 20.68
C MET C 40 -29.76 -2.49 20.24
N ASP C 41 -30.24 -3.30 21.18
CA ASP C 41 -31.38 -4.18 20.96
C ASP C 41 -32.67 -3.43 21.30
N GLY C 42 -32.53 -2.24 21.86
CA GLY C 42 -33.65 -1.34 22.12
C GLY C 42 -33.11 -0.08 22.77
N ALA C 43 -33.86 1.01 22.67
CA ALA C 43 -33.38 2.31 23.13
C ALA C 43 -34.39 3.01 24.02
N ILE C 44 -33.88 3.89 24.88
CA ILE C 44 -34.68 4.68 25.79
C ILE C 44 -34.57 6.14 25.34
N LEU C 45 -35.58 6.60 24.61
CA LEU C 45 -35.74 8.01 24.27
C LEU C 45 -36.11 8.81 25.52
N VAL C 46 -35.46 9.96 25.73
CA VAL C 46 -35.73 10.83 26.88
C VAL C 46 -36.17 12.21 26.36
N VAL C 47 -37.43 12.53 26.62
CA VAL C 47 -38.01 13.82 26.29
C VAL C 47 -38.37 14.50 27.61
N ALA C 48 -38.02 15.77 27.74
CA ALA C 48 -38.46 16.57 28.87
C ALA C 48 -39.91 16.96 28.64
N ALA C 49 -40.70 16.99 29.71
CA ALA C 49 -42.06 17.54 29.65
C ALA C 49 -42.02 19.06 29.77
N THR C 50 -40.90 19.61 30.24
CA THR C 50 -40.70 21.06 30.27
C THR C 50 -40.62 21.61 28.85
N ASP C 51 -39.79 20.98 28.02
CA ASP C 51 -39.49 21.49 26.69
C ASP C 51 -40.22 20.77 25.55
N GLY C 52 -40.74 19.57 25.79
CA GLY C 52 -41.22 18.71 24.71
C GLY C 52 -40.05 18.28 23.84
N PRO C 53 -40.33 17.76 22.63
CA PRO C 53 -39.24 17.35 21.73
C PRO C 53 -38.46 18.55 21.16
N MET C 54 -37.20 18.31 20.80
CA MET C 54 -36.27 19.35 20.31
C MET C 54 -35.50 18.82 19.10
N PRO C 55 -34.79 19.70 18.36
CA PRO C 55 -33.96 19.34 17.20
C PRO C 55 -33.24 17.98 17.23
N GLN C 56 -32.57 17.68 18.35
CA GLN C 56 -31.81 16.42 18.47
C GLN C 56 -32.68 15.20 18.78
N THR C 57 -33.82 15.39 19.46
CA THR C 57 -34.76 14.27 19.63
C THR C 57 -35.18 13.70 18.26
N ARG C 58 -35.35 14.58 17.28
CA ARG C 58 -35.62 14.16 15.90
C ARG C 58 -34.42 13.43 15.28
N GLU C 59 -33.22 13.98 15.44
CA GLU C 59 -31.98 13.37 14.90
C GLU C 59 -31.74 11.95 15.39
N HIS C 60 -31.85 11.75 16.71
CA HIS C 60 -31.64 10.43 17.29
C HIS C 60 -32.69 9.43 16.81
N ILE C 61 -33.95 9.85 16.72
CA ILE C 61 -35.03 8.97 16.26
C ILE C 61 -34.80 8.54 14.82
N LEU C 62 -34.48 9.51 13.95
CA LEU C 62 -34.17 9.21 12.55
C LEU C 62 -32.98 8.27 12.43
N LEU C 63 -31.90 8.56 13.15
CA LEU C 63 -30.74 7.67 13.21
C LEU C 63 -31.14 6.25 13.59
N GLY C 64 -32.03 6.13 14.58
CA GLY C 64 -32.59 4.85 14.98
C GLY C 64 -33.05 4.03 13.79
N ARG C 65 -33.91 4.60 12.95
CA ARG C 65 -34.43 3.86 11.81
C ARG C 65 -33.35 3.57 10.77
N GLN C 66 -32.47 4.54 10.56
CA GLN C 66 -31.39 4.41 9.59
C GLN C 66 -30.40 3.32 10.00
N VAL C 67 -29.98 3.37 11.26
CA VAL C 67 -29.09 2.36 11.86
C VAL C 67 -29.76 0.98 12.03
N GLY C 68 -31.05 0.97 12.37
CA GLY C 68 -31.79 -0.26 12.62
C GLY C 68 -31.83 -0.61 14.09
N VAL C 69 -32.19 0.39 14.91
CA VAL C 69 -32.49 0.17 16.32
C VAL C 69 -33.92 -0.34 16.27
N PRO C 70 -34.16 -1.58 16.74
CA PRO C 70 -35.46 -2.22 16.50
C PRO C 70 -36.66 -1.64 17.28
N TYR C 71 -36.49 -1.37 18.57
CA TYR C 71 -37.58 -0.87 19.41
C TYR C 71 -37.14 0.34 20.23
N ILE C 72 -38.07 1.26 20.48
CA ILE C 72 -37.82 2.47 21.26
C ILE C 72 -38.91 2.66 22.32
N ILE C 73 -38.48 2.92 23.55
CA ILE C 73 -39.35 3.23 24.69
C ILE C 73 -39.09 4.68 25.10
N VAL C 74 -40.14 5.38 25.51
CA VAL C 74 -40.04 6.78 25.92
C VAL C 74 -40.10 6.89 27.43
N PHE C 75 -39.22 7.73 27.99
CA PHE C 75 -39.30 8.14 29.38
C PHE C 75 -39.49 9.63 29.39
N LEU C 76 -40.76 10.06 29.34
CA LEU C 76 -41.11 11.45 29.49
C LEU C 76 -40.69 11.93 30.90
N ASN C 77 -39.70 12.82 30.93
CA ASN C 77 -38.97 13.15 32.16
C ASN C 77 -39.28 14.58 32.64
N LYS C 78 -38.78 14.91 33.84
CA LYS C 78 -38.94 16.22 34.47
C LYS C 78 -40.43 16.52 34.71
N CYS C 79 -41.18 15.48 35.07
CA CYS C 79 -42.63 15.61 35.31
C CYS C 79 -42.94 16.27 36.67
N ASP C 80 -42.00 16.19 37.61
CA ASP C 80 -42.11 16.94 38.86
C ASP C 80 -42.17 18.48 38.65
N MET C 81 -41.62 18.97 37.54
CA MET C 81 -41.68 20.40 37.21
C MET C 81 -43.03 20.86 36.69
N VAL C 82 -43.79 19.97 36.04
CA VAL C 82 -45.07 20.35 35.44
C VAL C 82 -46.25 19.70 36.16
N ASP C 83 -47.25 20.50 36.53
CA ASP C 83 -48.41 20.01 37.28
C ASP C 83 -49.50 19.35 36.42
N ASP C 84 -50.06 20.09 35.46
CA ASP C 84 -51.27 19.65 34.75
C ASP C 84 -51.07 18.38 33.87
N GLU C 85 -52.05 17.49 33.96
CA GLU C 85 -52.11 16.28 33.14
C GLU C 85 -52.35 16.57 31.66
N GLU C 86 -53.25 17.50 31.38
CA GLU C 86 -53.61 17.86 30.01
C GLU C 86 -52.42 18.28 29.13
N LEU C 87 -51.51 19.07 29.72
CA LEU C 87 -50.31 19.53 29.03
C LEU C 87 -49.44 18.33 28.68
N LEU C 88 -49.35 17.38 29.59
CA LEU C 88 -48.56 16.18 29.33
C LEU C 88 -49.18 15.44 28.16
N GLU C 89 -50.47 15.11 28.27
CA GLU C 89 -51.17 14.36 27.22
C GLU C 89 -50.85 14.95 25.84
N LEU C 90 -50.73 16.27 25.79
CA LEU C 90 -50.38 16.96 24.56
C LEU C 90 -48.95 16.63 24.09
N VAL C 91 -47.98 16.67 25.00
CA VAL C 91 -46.57 16.35 24.68
C VAL C 91 -46.45 14.89 24.18
N GLU C 92 -47.04 13.95 24.92
CA GLU C 92 -47.11 12.54 24.49
C GLU C 92 -47.68 12.39 23.06
N MET C 93 -48.69 13.18 22.72
CA MET C 93 -49.26 13.18 21.36
C MET C 93 -48.24 13.58 20.31
N GLU C 94 -47.42 14.60 20.63
CA GLU C 94 -46.36 15.06 19.73
C GLU C 94 -45.27 14.00 19.56
N VAL C 95 -44.85 13.39 20.67
CA VAL C 95 -43.75 12.41 20.67
C VAL C 95 -44.13 11.16 19.85
N ARG C 96 -45.38 10.72 19.96
CA ARG C 96 -45.90 9.62 19.14
C ARG C 96 -46.02 9.97 17.66
N GLU C 97 -46.42 11.21 17.38
CA GLU C 97 -46.42 11.75 16.02
C GLU C 97 -45.01 11.65 15.41
N LEU C 98 -44.02 12.10 16.18
CA LEU C 98 -42.63 12.10 15.76
C LEU C 98 -42.15 10.69 15.44
N LEU C 99 -42.25 9.78 16.41
CA LEU C 99 -41.88 8.36 16.22
C LEU C 99 -42.57 7.69 15.02
N SER C 100 -43.85 8.02 14.80
CA SER C 100 -44.62 7.47 13.69
C SER C 100 -44.08 7.87 12.31
N GLN C 101 -43.48 9.06 12.21
CA GLN C 101 -42.87 9.53 10.96
C GLN C 101 -41.72 8.64 10.51
N TYR C 102 -40.92 8.17 11.48
CA TYR C 102 -39.75 7.34 11.20
C TYR C 102 -40.07 5.85 11.46
N ASP C 103 -41.31 5.46 11.18
CA ASP C 103 -41.75 4.06 11.12
C ASP C 103 -41.62 3.27 12.41
N PHE C 104 -41.63 3.97 13.55
CA PHE C 104 -41.75 3.31 14.86
C PHE C 104 -43.21 3.39 15.24
N PRO C 105 -43.82 2.25 15.67
CA PRO C 105 -45.25 2.27 15.98
C PRO C 105 -45.53 3.14 17.21
N GLY C 106 -45.80 4.42 16.94
CA GLY C 106 -45.91 5.44 17.98
C GLY C 106 -47.11 5.27 18.88
N ASP C 107 -48.21 4.83 18.27
CA ASP C 107 -49.45 4.57 19.00
C ASP C 107 -49.21 3.49 20.03
N ASP C 108 -48.49 2.44 19.62
CA ASP C 108 -48.20 1.28 20.46
C ASP C 108 -46.90 1.42 21.31
N THR C 109 -46.27 2.59 21.30
CA THR C 109 -45.01 2.80 22.01
C THR C 109 -45.27 3.06 23.50
N PRO C 110 -44.55 2.35 24.42
CA PRO C 110 -44.67 2.66 25.86
C PRO C 110 -44.13 4.05 26.22
N ILE C 111 -44.83 4.75 27.11
CA ILE C 111 -44.41 6.10 27.56
C ILE C 111 -44.58 6.22 29.07
N VAL C 112 -43.46 6.27 29.79
CA VAL C 112 -43.47 6.38 31.25
C VAL C 112 -43.32 7.86 31.65
N ARG C 113 -44.32 8.40 32.34
CA ARG C 113 -44.20 9.74 32.94
C ARG C 113 -43.47 9.61 34.27
N GLY C 114 -42.26 10.18 34.34
CA GLY C 114 -41.44 10.06 35.55
C GLY C 114 -40.58 11.27 35.85
N SER C 115 -39.84 11.17 36.94
CA SER C 115 -38.75 12.08 37.25
C SER C 115 -37.53 11.24 37.54
N ALA C 116 -36.49 11.41 36.73
CA ALA C 116 -35.24 10.70 36.93
C ALA C 116 -34.47 11.24 38.14
N LEU C 117 -34.55 12.55 38.38
CA LEU C 117 -33.82 13.18 39.47
C LEU C 117 -34.40 12.80 40.82
N LYS C 118 -35.71 12.98 40.99
CA LYS C 118 -36.41 12.59 42.21
C LYS C 118 -36.20 11.10 42.50
N ALA C 119 -36.22 10.28 41.47
CA ALA C 119 -35.93 8.85 41.60
C ALA C 119 -34.50 8.55 42.09
N LEU C 120 -33.52 9.26 41.54
CA LEU C 120 -32.11 9.09 41.94
C LEU C 120 -31.83 9.64 43.35
N GLU C 121 -32.58 10.67 43.76
CA GLU C 121 -32.50 11.22 45.13
C GLU C 121 -33.13 10.31 46.19
N GLY C 122 -33.98 9.38 45.76
CA GLY C 122 -34.57 8.37 46.65
C GLY C 122 -35.99 8.73 47.10
N ASP C 123 -36.82 9.14 46.14
CA ASP C 123 -38.21 9.56 46.41
C ASP C 123 -39.18 8.48 45.91
N ALA C 124 -39.74 7.73 46.85
CA ALA C 124 -40.51 6.50 46.56
C ALA C 124 -41.58 6.62 45.46
N GLU C 125 -42.26 7.77 45.39
CA GLU C 125 -43.32 7.99 44.40
C GLU C 125 -42.81 7.91 42.98
N TRP C 126 -41.63 8.49 42.75
CA TRP C 126 -41.02 8.54 41.42
C TRP C 126 -40.12 7.34 41.12
N GLU C 127 -39.69 6.62 42.16
CA GLU C 127 -38.96 5.36 41.99
C GLU C 127 -39.81 4.30 41.34
N ALA C 128 -41.08 4.22 41.73
CA ALA C 128 -42.07 3.36 41.06
C ALA C 128 -42.07 3.53 39.53
N LYS C 129 -41.92 4.76 39.07
CA LYS C 129 -41.87 5.07 37.65
C LYS C 129 -40.66 4.46 36.96
N ILE C 130 -39.53 4.39 37.66
CA ILE C 130 -38.33 3.71 37.14
C ILE C 130 -38.60 2.21 37.01
N LEU C 131 -39.22 1.63 38.06
CA LEU C 131 -39.59 0.21 38.06
C LEU C 131 -40.61 -0.13 36.96
N GLU C 132 -41.52 0.81 36.68
CA GLU C 132 -42.46 0.73 35.54
C GLU C 132 -41.72 0.65 34.22
N LEU C 133 -40.74 1.55 34.04
CA LEU C 133 -39.89 1.56 32.84
C LEU C 133 -39.21 0.20 32.63
N ALA C 134 -38.52 -0.30 33.65
CA ALA C 134 -37.83 -1.61 33.57
C ALA C 134 -38.78 -2.79 33.41
N GLY C 135 -40.06 -2.59 33.72
CA GLY C 135 -41.12 -3.48 33.29
C GLY C 135 -41.27 -3.47 31.78
N PHE C 136 -41.37 -2.28 31.19
CA PHE C 136 -41.43 -2.15 29.73
C PHE C 136 -40.13 -2.61 29.05
N LEU C 137 -38.98 -2.47 29.71
CA LEU C 137 -37.74 -3.05 29.20
C LEU C 137 -37.87 -4.58 29.10
N ASP C 138 -38.41 -5.20 30.15
CA ASP C 138 -38.62 -6.66 30.20
C ASP C 138 -39.63 -7.15 29.18
N SER C 139 -40.70 -6.38 28.96
CA SER C 139 -41.83 -6.81 28.12
C SER C 139 -41.76 -6.35 26.65
N TYR C 140 -41.43 -5.08 26.41
CA TYR C 140 -41.48 -4.52 25.04
C TYR C 140 -40.28 -4.86 24.16
N ILE C 141 -39.12 -5.08 24.78
CA ILE C 141 -37.89 -5.40 24.03
C ILE C 141 -37.63 -6.89 24.10
N PRO C 142 -37.73 -7.60 22.95
CA PRO C 142 -37.41 -9.02 22.96
C PRO C 142 -35.90 -9.25 22.99
N GLU C 143 -35.49 -10.44 23.43
CA GLU C 143 -34.09 -10.85 23.32
C GLU C 143 -33.73 -10.88 21.85
N PRO C 144 -32.56 -10.33 21.49
CA PRO C 144 -32.20 -10.35 20.07
C PRO C 144 -31.91 -11.76 19.59
N GLU C 145 -32.02 -11.97 18.28
CA GLU C 145 -31.82 -13.30 17.70
C GLU C 145 -30.35 -13.61 17.70
N ARG C 146 -29.99 -14.79 18.23
CA ARG C 146 -28.58 -15.16 18.36
C ARG C 146 -28.04 -15.57 17.01
N ALA C 147 -26.73 -15.41 16.85
CA ALA C 147 -26.08 -15.61 15.57
C ALA C 147 -26.43 -16.98 14.99
N ILE C 148 -26.10 -18.02 15.76
CA ILE C 148 -26.28 -19.40 15.34
C ILE C 148 -27.71 -19.75 14.88
N ASP C 149 -28.71 -18.99 15.31
CA ASP C 149 -30.11 -19.21 14.91
C ASP C 149 -30.44 -18.73 13.48
N LYS C 150 -29.66 -17.81 12.92
CA LYS C 150 -29.99 -17.23 11.59
C LYS C 150 -29.67 -18.10 10.38
N PRO C 151 -29.97 -17.61 9.16
CA PRO C 151 -29.49 -18.20 7.92
C PRO C 151 -27.99 -18.18 7.75
N PHE C 152 -27.44 -19.29 7.29
CA PHE C 152 -26.00 -19.52 7.17
C PHE C 152 -25.27 -18.46 6.32
N LEU C 153 -24.12 -17.98 6.80
CA LEU C 153 -23.32 -16.97 6.07
C LEU C 153 -21.84 -17.08 6.47
N LEU C 154 -21.00 -17.24 5.46
CA LEU C 154 -19.54 -17.38 5.59
C LEU C 154 -18.86 -16.39 4.62
N PRO C 155 -18.19 -15.36 5.16
CA PRO C 155 -17.37 -14.54 4.27
C PRO C 155 -16.12 -15.30 3.86
N ILE C 156 -15.79 -15.33 2.58
CA ILE C 156 -14.64 -16.12 2.10
C ILE C 156 -13.32 -15.37 2.25
N GLU C 157 -12.38 -15.99 2.99
CA GLU C 157 -11.04 -15.45 3.18
C GLU C 157 -10.03 -16.06 2.23
N ASP C 158 -10.00 -17.39 2.17
CA ASP C 158 -8.97 -18.06 1.42
C ASP C 158 -9.59 -19.17 0.63
N VAL C 159 -8.89 -19.59 -0.41
CA VAL C 159 -9.37 -20.63 -1.30
C VAL C 159 -8.20 -21.56 -1.61
N PHE C 160 -8.45 -22.86 -1.58
CA PHE C 160 -7.43 -23.89 -1.71
C PHE C 160 -8.02 -24.91 -2.66
N SER C 161 -7.35 -25.17 -3.75
CA SER C 161 -7.90 -26.08 -4.73
C SER C 161 -7.34 -27.50 -4.58
N ILE C 162 -8.22 -28.50 -4.64
CA ILE C 162 -7.78 -29.91 -4.62
C ILE C 162 -8.27 -30.49 -5.92
N SER C 163 -7.35 -31.11 -6.65
CA SER C 163 -7.62 -31.54 -8.02
C SER C 163 -8.60 -32.73 -8.10
N GLY C 164 -9.58 -32.60 -9.00
CA GLY C 164 -10.54 -33.66 -9.26
C GLY C 164 -11.72 -33.76 -8.31
N ARG C 165 -11.76 -32.92 -7.29
CA ARG C 165 -12.85 -32.94 -6.32
C ARG C 165 -13.54 -31.60 -6.15
N GLY C 166 -12.77 -30.52 -6.15
CA GLY C 166 -13.35 -29.21 -5.94
C GLY C 166 -12.37 -28.20 -5.36
N THR C 167 -12.93 -27.30 -4.58
CA THR C 167 -12.19 -26.21 -3.97
C THR C 167 -12.62 -26.14 -2.53
N VAL C 168 -11.69 -25.90 -1.62
CA VAL C 168 -11.99 -25.65 -0.23
C VAL C 168 -11.94 -24.17 0.05
N VAL C 169 -13.01 -23.60 0.58
CA VAL C 169 -13.00 -22.17 0.94
C VAL C 169 -13.04 -22.06 2.45
N THR C 170 -12.27 -21.13 2.99
CA THR C 170 -12.22 -20.91 4.41
C THR C 170 -12.63 -19.55 4.79
N GLY C 171 -13.02 -19.48 6.05
CA GLY C 171 -13.46 -18.24 6.67
C GLY C 171 -14.11 -18.52 8.00
N ARG C 172 -14.48 -17.45 8.67
CA ARG C 172 -15.08 -17.54 9.98
C ARG C 172 -16.58 -17.39 9.77
N VAL C 173 -17.36 -18.39 10.20
CA VAL C 173 -18.81 -18.33 10.02
C VAL C 173 -19.40 -17.16 10.82
N GLU C 174 -20.26 -16.39 10.13
CA GLU C 174 -20.88 -15.17 10.67
C GLU C 174 -22.17 -15.50 11.42
N ARG C 175 -22.97 -16.40 10.87
CA ARG C 175 -24.18 -16.86 11.50
C ARG C 175 -24.58 -18.19 10.93
N GLY C 176 -25.43 -18.91 11.64
CA GLY C 176 -26.05 -20.14 11.11
C GLY C 176 -25.08 -21.34 11.13
N ILE C 177 -25.50 -22.38 10.45
CA ILE C 177 -24.85 -23.70 10.49
C ILE C 177 -24.78 -24.28 9.10
N ILE C 178 -23.69 -24.96 8.80
CA ILE C 178 -23.49 -25.55 7.49
C ILE C 178 -23.23 -27.00 7.77
N LYS C 179 -23.92 -27.85 7.05
CA LYS C 179 -23.74 -29.28 7.16
C LYS C 179 -23.44 -29.81 5.78
N VAL C 180 -22.77 -30.96 5.80
CA VAL C 180 -22.38 -31.56 4.57
C VAL C 180 -23.67 -31.89 3.82
N GLY C 181 -23.65 -31.64 2.53
CA GLY C 181 -24.73 -32.02 1.64
C GLY C 181 -25.66 -30.87 1.34
N GLU C 182 -25.61 -29.81 2.15
CA GLU C 182 -26.47 -28.66 1.90
C GLU C 182 -26.02 -27.89 0.69
N GLU C 183 -26.99 -27.30 0.01
CA GLU C 183 -26.72 -26.41 -1.10
C GLU C 183 -26.32 -25.05 -0.56
N VAL C 184 -25.43 -24.37 -1.26
CA VAL C 184 -25.00 -23.02 -0.90
C VAL C 184 -24.89 -22.15 -2.15
N GLU C 185 -25.10 -20.86 -1.96
CA GLU C 185 -24.85 -19.89 -2.98
C GLU C 185 -23.58 -19.14 -2.66
N ILE C 186 -22.92 -18.68 -3.74
CA ILE C 186 -21.72 -17.89 -3.68
C ILE C 186 -22.12 -16.55 -4.23
N VAL C 187 -22.10 -15.53 -3.38
CA VAL C 187 -22.72 -14.26 -3.67
C VAL C 187 -21.71 -13.12 -3.59
N GLY C 188 -21.77 -12.30 -4.62
CA GLY C 188 -21.01 -11.07 -4.66
C GLY C 188 -19.97 -11.11 -5.71
N ILE C 189 -19.60 -9.90 -6.14
CA ILE C 189 -18.61 -9.64 -7.19
C ILE C 189 -18.99 -10.25 -8.55
N LYS C 190 -19.14 -11.58 -8.58
CA LYS C 190 -19.51 -12.28 -9.82
C LYS C 190 -20.98 -12.61 -9.78
N GLU C 191 -21.48 -13.11 -10.89
CA GLU C 191 -22.82 -13.62 -10.93
C GLU C 191 -22.95 -14.75 -9.90
N THR C 192 -24.06 -14.78 -9.22
CA THR C 192 -24.27 -15.77 -8.21
C THR C 192 -24.14 -17.17 -8.81
N GLN C 193 -23.67 -18.10 -7.99
CA GLN C 193 -23.56 -19.52 -8.36
C GLN C 193 -24.04 -20.33 -7.17
N LYS C 194 -24.48 -21.54 -7.47
CA LYS C 194 -24.87 -22.51 -6.47
C LYS C 194 -23.90 -23.69 -6.51
N SER C 195 -23.81 -24.39 -5.40
CA SER C 195 -22.99 -25.58 -5.30
C SER C 195 -23.40 -26.36 -4.05
N THR C 196 -22.89 -27.57 -3.93
CA THR C 196 -23.17 -28.41 -2.73
C THR C 196 -21.83 -28.60 -1.94
N CYS C 197 -21.86 -28.41 -0.62
CA CYS C 197 -20.84 -28.82 0.29
C CYS C 197 -20.66 -30.33 0.19
N THR C 198 -19.48 -30.80 -0.18
CA THR C 198 -19.22 -32.23 -0.03
C THR C 198 -18.27 -32.52 1.13
N GLY C 199 -17.93 -31.51 1.93
CA GLY C 199 -17.08 -31.69 3.11
C GLY C 199 -17.01 -30.39 3.87
N VAL C 200 -16.97 -30.49 5.20
CA VAL C 200 -16.81 -29.38 6.07
C VAL C 200 -15.84 -29.78 7.15
N GLU C 201 -15.05 -28.84 7.62
CA GLU C 201 -14.30 -29.03 8.86
C GLU C 201 -14.30 -27.72 9.66
N MET C 202 -14.68 -27.80 10.92
CA MET C 202 -14.60 -26.68 11.83
C MET C 202 -13.35 -26.91 12.67
N PHE C 203 -12.41 -25.98 12.56
CA PHE C 203 -11.08 -26.01 13.14
C PHE C 203 -11.08 -26.50 14.58
N ARG C 204 -10.43 -27.66 14.81
CA ARG C 204 -10.26 -28.31 16.13
C ARG C 204 -11.54 -28.88 16.75
N LYS C 205 -12.70 -28.76 16.09
CA LYS C 205 -13.97 -29.10 16.76
C LYS C 205 -14.82 -30.16 16.03
N LEU C 206 -15.10 -29.95 14.74
CA LEU C 206 -16.12 -30.75 14.02
C LEU C 206 -15.78 -31.12 12.57
N LEU C 207 -16.19 -32.33 12.21
CA LEU C 207 -16.15 -32.82 10.86
C LEU C 207 -17.58 -32.93 10.29
N ASP C 208 -17.78 -32.26 9.13
CA ASP C 208 -18.98 -32.26 8.34
C ASP C 208 -20.07 -31.38 8.84
N GLU C 209 -19.68 -30.49 9.75
CA GLU C 209 -20.54 -29.48 10.21
C GLU C 209 -19.73 -28.31 10.69
N GLY C 210 -20.27 -27.12 10.56
CA GLY C 210 -19.63 -25.92 11.04
C GLY C 210 -20.58 -24.91 11.61
N ARG C 211 -20.18 -24.23 12.71
CA ARG C 211 -21.11 -23.43 13.53
C ARG C 211 -20.53 -22.06 13.70
N ALA C 212 -21.36 -21.01 13.80
CA ALA C 212 -20.93 -19.61 13.87
C ALA C 212 -19.89 -19.42 14.96
N GLY C 213 -18.80 -18.64 14.74
CA GLY C 213 -17.66 -18.80 15.61
C GLY C 213 -16.35 -19.17 14.89
N GLU C 214 -15.83 -20.35 15.14
CA GLU C 214 -14.43 -20.66 14.75
C GLU C 214 -14.36 -20.96 13.21
N ASN C 215 -13.13 -21.03 12.71
CA ASN C 215 -12.94 -21.09 11.31
C ASN C 215 -13.44 -22.39 10.71
N VAL C 216 -13.88 -22.29 9.49
CA VAL C 216 -14.50 -23.40 8.82
C VAL C 216 -13.85 -23.51 7.49
N GLY C 217 -13.56 -24.72 7.04
CA GLY C 217 -13.23 -25.02 5.63
C GLY C 217 -14.38 -25.77 5.00
N VAL C 218 -14.77 -25.36 3.81
CA VAL C 218 -15.91 -25.94 3.12
C VAL C 218 -15.48 -26.38 1.72
N LEU C 219 -15.69 -27.67 1.43
CA LEU C 219 -15.29 -28.22 0.15
C LEU C 219 -16.50 -28.13 -0.74
N LEU C 220 -16.38 -27.41 -1.86
CA LEU C 220 -17.47 -27.30 -2.84
C LEU C 220 -17.16 -28.09 -4.07
N ARG C 221 -18.01 -29.06 -4.36
CA ARG C 221 -17.83 -29.90 -5.50
C ARG C 221 -18.05 -29.14 -6.79
N GLY C 222 -17.13 -29.29 -7.73
CA GLY C 222 -17.31 -28.74 -9.06
C GLY C 222 -16.98 -27.27 -9.19
N ILE C 223 -16.53 -26.63 -8.10
CA ILE C 223 -16.15 -25.22 -8.17
C ILE C 223 -14.67 -25.22 -8.33
N LYS C 224 -14.24 -24.55 -9.38
CA LYS C 224 -12.82 -24.44 -9.70
C LYS C 224 -12.31 -23.14 -9.12
N ARG C 225 -10.99 -23.08 -8.90
CA ARG C 225 -10.34 -21.97 -8.18
C ARG C 225 -10.66 -20.58 -8.71
N GLU C 226 -10.60 -20.43 -10.01
CA GLU C 226 -10.86 -19.16 -10.62
C GLU C 226 -12.33 -18.72 -10.59
N GLU C 227 -13.25 -19.54 -10.09
CA GLU C 227 -14.68 -19.22 -10.12
C GLU C 227 -15.10 -18.67 -8.78
N ILE C 228 -14.20 -18.64 -7.80
CA ILE C 228 -14.53 -18.08 -6.51
C ILE C 228 -13.38 -17.19 -6.03
N GLU C 229 -13.69 -16.15 -5.23
CA GLU C 229 -12.68 -15.26 -4.71
C GLU C 229 -13.00 -14.69 -3.31
N ARG C 230 -11.93 -14.29 -2.67
CA ARG C 230 -12.00 -13.65 -1.39
C ARG C 230 -12.96 -12.48 -1.46
N GLY C 231 -13.80 -12.29 -0.44
CA GLY C 231 -14.71 -11.18 -0.51
C GLY C 231 -16.10 -11.61 -0.92
N GLN C 232 -16.21 -12.73 -1.64
CA GLN C 232 -17.53 -13.32 -1.79
C GLN C 232 -18.01 -13.91 -0.45
N VAL C 233 -19.30 -14.27 -0.38
CA VAL C 233 -19.82 -14.99 0.74
C VAL C 233 -20.46 -16.31 0.31
N LEU C 234 -20.40 -17.32 1.18
CA LEU C 234 -21.26 -18.51 1.05
C LEU C 234 -22.50 -18.27 1.89
N ALA C 235 -23.65 -18.62 1.33
CA ALA C 235 -24.88 -18.39 2.01
C ALA C 235 -25.91 -19.44 1.67
N LYS C 236 -26.81 -19.68 2.63
CA LYS C 236 -27.99 -20.52 2.37
C LYS C 236 -28.72 -19.91 1.21
N PRO C 237 -29.08 -20.70 0.21
CA PRO C 237 -29.66 -20.10 -0.98
C PRO C 237 -30.86 -19.18 -0.76
N GLY C 238 -30.87 -18.05 -1.44
CA GLY C 238 -31.96 -17.11 -1.34
C GLY C 238 -32.07 -16.28 -0.09
N THR C 239 -31.04 -16.22 0.73
CA THR C 239 -31.08 -15.41 1.95
C THR C 239 -30.25 -14.12 1.92
N ILE C 240 -29.38 -13.97 0.91
CA ILE C 240 -28.61 -12.75 0.76
C ILE C 240 -28.44 -12.50 -0.73
N LYS C 241 -28.43 -11.23 -1.13
CA LYS C 241 -28.29 -10.88 -2.52
C LYS C 241 -27.18 -9.87 -2.75
N PRO C 242 -26.63 -9.86 -3.96
CA PRO C 242 -25.62 -8.89 -4.27
C PRO C 242 -26.22 -7.56 -4.69
N HIS C 243 -25.62 -6.47 -4.27
CA HIS C 243 -26.09 -5.15 -4.63
C HIS C 243 -24.87 -4.24 -4.85
N THR C 244 -25.07 -3.21 -5.66
CA THR C 244 -24.10 -2.18 -5.95
C THR C 244 -24.51 -0.80 -5.37
N LYS C 245 -25.82 -0.58 -5.19
CA LYS C 245 -26.30 0.74 -4.77
C LYS C 245 -27.03 0.69 -3.43
N PHE C 246 -26.67 1.59 -2.53
CA PHE C 246 -27.29 1.61 -1.22
C PHE C 246 -27.23 2.97 -0.53
N GLU C 247 -28.23 3.22 0.33
CA GLU C 247 -28.23 4.40 1.17
C GLU C 247 -27.46 4.02 2.41
N SER C 248 -26.65 4.95 2.89
CA SER C 248 -25.88 4.76 4.08
C SER C 248 -26.00 5.91 5.06
N GLU C 249 -25.74 5.59 6.33
CA GLU C 249 -25.44 6.57 7.36
C GLU C 249 -23.97 6.44 7.64
N VAL C 250 -23.25 7.54 7.53
CA VAL C 250 -21.78 7.51 7.62
C VAL C 250 -21.25 8.59 8.55
N TYR C 251 -20.21 8.24 9.31
CA TYR C 251 -19.46 9.13 10.12
C TYR C 251 -18.07 9.25 9.49
N ILE C 252 -17.67 10.51 9.23
CA ILE C 252 -16.39 10.79 8.62
C ILE C 252 -15.41 11.12 9.75
N LEU C 253 -14.27 10.42 9.78
CA LEU C 253 -13.33 10.67 10.89
C LEU C 253 -12.78 12.09 10.86
N SER C 254 -12.57 12.65 12.05
CA SER C 254 -11.79 13.88 12.16
C SER C 254 -10.32 13.61 11.90
N LYS C 255 -9.61 14.69 11.63
CA LYS C 255 -8.16 14.66 11.44
C LYS C 255 -7.46 14.11 12.69
N ASP C 256 -7.91 14.56 13.85
CA ASP C 256 -7.35 14.13 15.12
C ASP C 256 -7.59 12.65 15.38
N GLU C 257 -8.64 12.10 14.75
CA GLU C 257 -8.94 10.65 14.81
C GLU C 257 -8.17 9.84 13.74
N GLY C 258 -7.33 10.50 12.94
CA GLY C 258 -6.47 9.79 11.96
C GLY C 258 -7.05 9.85 10.56
N GLY C 259 -8.12 10.63 10.40
CA GLY C 259 -8.83 10.74 9.15
C GLY C 259 -8.33 11.84 8.24
N ARG C 260 -9.21 12.27 7.36
CA ARG C 260 -8.96 13.40 6.48
C ARG C 260 -8.66 14.74 7.21
N HIS C 261 -7.90 15.60 6.50
CA HIS C 261 -7.56 16.99 6.92
C HIS C 261 -8.53 17.97 6.29
N THR C 262 -8.84 17.70 5.02
CA THR C 262 -9.75 18.53 4.24
C THR C 262 -11.08 17.81 3.98
N PRO C 263 -12.16 18.59 3.73
CA PRO C 263 -13.45 18.04 3.31
C PRO C 263 -13.41 17.42 1.95
N PHE C 264 -14.41 16.61 1.65
CA PHE C 264 -14.46 16.02 0.35
C PHE C 264 -15.72 16.50 -0.28
N PHE C 265 -15.79 16.28 -1.59
CA PHE C 265 -16.86 16.78 -2.43
C PHE C 265 -17.51 15.63 -3.19
N LYS C 266 -18.46 15.97 -4.04
CA LYS C 266 -19.31 14.97 -4.64
C LYS C 266 -18.59 13.97 -5.56
N GLY C 267 -17.36 14.25 -6.00
CA GLY C 267 -16.61 13.35 -6.88
C GLY C 267 -15.62 12.46 -6.15
N TYR C 268 -15.86 12.24 -4.85
CA TYR C 268 -15.03 11.41 -3.99
C TYR C 268 -15.24 9.94 -4.38
N ARG C 269 -14.12 9.26 -4.63
CA ARG C 269 -14.13 7.86 -5.04
C ARG C 269 -13.31 7.02 -4.06
N PRO C 270 -13.82 6.83 -2.83
CA PRO C 270 -13.07 6.06 -1.89
C PRO C 270 -13.33 4.57 -2.00
N GLN C 271 -12.62 3.83 -1.19
CA GLN C 271 -12.82 2.38 -1.08
C GLN C 271 -13.75 2.08 0.09
N PHE C 272 -14.63 1.11 -0.10
CA PHE C 272 -15.57 0.69 0.91
C PHE C 272 -15.28 -0.74 1.27
N TYR C 273 -14.96 -0.96 2.54
CA TYR C 273 -14.55 -2.27 2.99
C TYR C 273 -15.71 -3.03 3.63
N PHE C 274 -16.10 -4.16 3.04
CA PHE C 274 -17.17 -4.99 3.56
C PHE C 274 -16.65 -6.36 3.88
N ARG C 275 -16.57 -6.64 5.17
CA ARG C 275 -16.28 -7.98 5.68
C ARG C 275 -14.85 -8.37 5.38
N THR C 276 -14.55 -8.74 4.14
CA THR C 276 -13.21 -9.25 3.83
C THR C 276 -12.53 -8.57 2.64
N THR C 277 -13.18 -7.58 2.04
CA THR C 277 -12.58 -6.88 0.90
C THR C 277 -13.07 -5.45 0.70
N ASP C 278 -12.23 -4.64 0.06
CA ASP C 278 -12.56 -3.24 -0.25
C ASP C 278 -12.89 -3.14 -1.76
N VAL C 279 -13.91 -2.30 -2.01
CA VAL C 279 -14.41 -2.06 -3.34
C VAL C 279 -14.60 -0.57 -3.56
N THR C 280 -14.15 -0.08 -4.72
CA THR C 280 -14.29 1.35 -5.04
C THR C 280 -15.77 1.65 -5.25
N GLY C 281 -16.19 2.84 -4.83
CA GLY C 281 -17.55 3.32 -5.10
C GLY C 281 -17.61 4.84 -5.27
N THR C 282 -18.66 5.34 -5.93
CA THR C 282 -18.96 6.77 -6.01
C THR C 282 -20.12 7.11 -5.08
N ILE C 283 -20.35 8.40 -4.86
CA ILE C 283 -21.27 8.85 -3.82
C ILE C 283 -22.23 9.91 -4.35
N GLU C 284 -23.40 10.02 -3.70
CA GLU C 284 -24.34 11.13 -3.95
C GLU C 284 -24.63 11.79 -2.62
N LEU C 285 -24.12 13.00 -2.44
CA LEU C 285 -24.40 13.79 -1.23
C LEU C 285 -25.88 14.22 -1.26
N PRO C 286 -26.45 14.46 -0.07
CA PRO C 286 -27.86 14.89 -0.03
C PRO C 286 -28.07 16.32 -0.55
N GLU C 287 -29.33 16.68 -0.75
CA GLU C 287 -29.69 17.96 -1.35
C GLU C 287 -29.15 19.16 -0.55
N GLY C 288 -28.46 20.07 -1.26
CA GLY C 288 -27.89 21.28 -0.65
C GLY C 288 -26.48 21.13 -0.11
N VAL C 289 -26.14 19.92 0.37
CA VAL C 289 -24.83 19.64 0.95
C VAL C 289 -23.80 19.50 -0.16
N GLU C 290 -22.86 20.45 -0.22
CA GLU C 290 -21.80 20.49 -1.23
C GLU C 290 -20.55 19.75 -0.77
N MET C 291 -20.32 19.72 0.54
CA MET C 291 -19.13 19.08 1.04
C MET C 291 -19.34 18.47 2.43
N VAL C 292 -18.45 17.54 2.77
CA VAL C 292 -18.52 16.86 4.03
C VAL C 292 -17.21 17.14 4.70
N MET C 293 -17.31 17.72 5.91
CA MET C 293 -16.16 18.07 6.72
C MET C 293 -15.70 16.86 7.51
N PRO C 294 -14.36 16.69 7.65
CA PRO C 294 -13.87 15.73 8.62
C PRO C 294 -14.62 15.93 9.92
N GLY C 295 -15.16 14.86 10.49
CA GLY C 295 -15.88 14.96 11.77
C GLY C 295 -17.40 14.99 11.66
N ASP C 296 -17.93 15.15 10.46
CA ASP C 296 -19.37 15.10 10.21
C ASP C 296 -19.99 13.68 10.06
N ASN C 297 -21.27 13.58 10.45
CA ASN C 297 -22.07 12.44 10.13
C ASN C 297 -22.87 12.95 8.94
N ILE C 298 -23.26 12.06 8.02
CA ILE C 298 -24.14 12.37 6.96
C ILE C 298 -24.65 11.12 6.26
N LYS C 299 -25.71 11.33 5.54
CA LYS C 299 -26.43 10.29 4.82
C LYS C 299 -25.99 10.41 3.40
N MET C 300 -25.48 9.32 2.84
CA MET C 300 -25.03 9.32 1.42
C MET C 300 -25.49 8.10 0.64
N VAL C 301 -25.72 8.28 -0.66
CA VAL C 301 -26.01 7.15 -1.52
C VAL C 301 -24.71 6.66 -2.18
N VAL C 302 -24.42 5.37 -2.06
CA VAL C 302 -23.18 4.82 -2.61
C VAL C 302 -23.49 3.90 -3.77
N THR C 303 -22.68 3.97 -4.84
CA THR C 303 -22.73 3.06 -5.98
C THR C 303 -21.36 2.37 -6.11
N LEU C 304 -21.29 1.08 -5.78
CA LEU C 304 -20.06 0.30 -5.88
C LEU C 304 -19.77 -0.09 -7.34
N ILE C 305 -18.51 -0.30 -7.69
CA ILE C 305 -18.19 -0.75 -9.05
C ILE C 305 -18.27 -2.27 -9.20
N HIS C 306 -18.47 -2.97 -8.10
CA HIS C 306 -18.65 -4.41 -8.10
C HIS C 306 -19.67 -4.73 -7.06
N PRO C 307 -20.59 -5.68 -7.33
CA PRO C 307 -21.59 -6.01 -6.32
C PRO C 307 -21.04 -6.69 -5.08
N ILE C 308 -21.69 -6.47 -3.97
CA ILE C 308 -21.34 -7.06 -2.70
C ILE C 308 -22.58 -7.68 -2.06
N ALA C 309 -22.47 -8.90 -1.54
CA ALA C 309 -23.55 -9.43 -0.72
C ALA C 309 -23.85 -8.48 0.42
N MET C 310 -25.07 -7.98 0.51
CA MET C 310 -25.42 -7.10 1.63
C MET C 310 -26.89 -7.06 1.96
N ASP C 311 -27.15 -6.70 3.21
CA ASP C 311 -28.48 -6.57 3.79
C ASP C 311 -28.46 -5.29 4.59
N ASP C 312 -29.63 -4.75 4.95
CA ASP C 312 -29.71 -3.57 5.77
C ASP C 312 -29.02 -3.85 7.12
N GLY C 313 -28.34 -2.87 7.73
CA GLY C 313 -27.57 -3.11 8.97
C GLY C 313 -26.10 -3.49 8.78
N LEU C 314 -25.71 -3.90 7.59
CA LEU C 314 -24.31 -4.24 7.34
C LEU C 314 -23.33 -3.07 7.53
N ARG C 315 -22.35 -3.23 8.41
CA ARG C 315 -21.40 -2.17 8.65
C ARG C 315 -20.27 -2.20 7.64
N PHE C 316 -19.73 -1.02 7.39
CA PHE C 316 -18.56 -0.93 6.54
C PHE C 316 -17.60 0.18 6.94
N ALA C 317 -16.36 0.06 6.48
CA ALA C 317 -15.38 1.11 6.71
C ALA C 317 -15.10 1.80 5.37
N ILE C 318 -14.70 3.08 5.46
CA ILE C 318 -14.38 3.87 4.27
C ILE C 318 -12.90 4.13 4.37
N ARG C 319 -12.20 3.87 3.25
CA ARG C 319 -10.78 3.94 3.24
C ARG C 319 -10.19 4.64 2.05
N GLU C 320 -9.05 5.28 2.28
CA GLU C 320 -8.29 6.02 1.28
C GLU C 320 -6.86 5.71 1.56
N GLY C 321 -6.19 5.21 0.53
CA GLY C 321 -4.77 4.86 0.59
C GLY C 321 -4.34 3.87 1.65
N GLY C 322 -5.29 3.10 2.19
CA GLY C 322 -5.02 2.21 3.31
C GLY C 322 -5.42 2.74 4.66
N ARG C 323 -5.71 4.05 4.76
CA ARG C 323 -6.18 4.63 6.03
C ARG C 323 -7.73 4.68 6.10
N THR C 324 -8.26 4.33 7.29
CA THR C 324 -9.67 4.46 7.60
C THR C 324 -10.04 5.93 7.74
N VAL C 325 -10.96 6.39 6.89
CA VAL C 325 -11.43 7.77 6.88
C VAL C 325 -12.91 7.91 7.31
N GLY C 326 -13.62 6.79 7.41
CA GLY C 326 -15.01 6.84 7.86
C GLY C 326 -15.54 5.46 8.16
N ALA C 327 -16.72 5.45 8.77
CA ALA C 327 -17.39 4.22 9.11
C ALA C 327 -18.85 4.38 8.81
N GLY C 328 -19.47 3.32 8.28
CA GLY C 328 -20.88 3.41 7.93
C GLY C 328 -21.71 2.15 8.16
N VAL C 329 -23.02 2.31 7.98
CA VAL C 329 -23.96 1.23 8.03
C VAL C 329 -24.89 1.35 6.82
N VAL C 330 -25.27 0.19 6.29
CA VAL C 330 -26.16 0.12 5.15
C VAL C 330 -27.57 0.36 5.68
N ALA C 331 -28.16 1.45 5.23
CA ALA C 331 -29.48 1.89 5.70
C ALA C 331 -30.55 1.16 4.92
N LYS C 332 -30.46 1.28 3.60
CA LYS C 332 -31.44 0.73 2.69
C LYS C 332 -30.78 0.31 1.41
N VAL C 333 -30.85 -0.97 1.11
CA VAL C 333 -30.40 -1.46 -0.17
C VAL C 333 -31.31 -0.98 -1.31
N LEU C 334 -30.72 -0.69 -2.46
CA LEU C 334 -31.46 -0.13 -3.59
C LEU C 334 -31.44 -0.99 -4.86
N GLY C 335 -30.28 -1.51 -5.27
CA GLY C 335 -30.28 -2.49 -6.37
C GLY C 335 -28.91 -2.77 -6.92
N ASP D 2 -15.17 4.77 -15.07
CA ASP D 2 -13.75 4.77 -15.49
C ASP D 2 -12.79 4.39 -14.35
N ILE D 3 -12.31 3.17 -14.43
CA ILE D 3 -11.55 2.60 -13.33
C ILE D 3 -10.06 2.81 -13.49
N TRP D 4 -9.61 3.38 -14.61
CA TRP D 4 -8.19 3.39 -14.94
C TRP D 4 -7.27 4.05 -13.88
N PRO D 5 -7.70 5.16 -13.28
CA PRO D 5 -6.77 5.80 -12.33
C PRO D 5 -6.41 4.94 -11.12
N GLU D 6 -7.40 4.24 -10.58
CA GLU D 6 -7.19 3.36 -9.43
C GLU D 6 -6.54 2.07 -9.89
N PHE D 7 -6.84 1.67 -11.12
CA PHE D 7 -6.25 0.51 -11.71
C PHE D 7 -4.72 0.72 -11.85
N GLN D 8 -4.30 1.93 -12.24
CA GLN D 8 -2.88 2.29 -12.45
C GLN D 8 -2.14 2.23 -11.13
N ARG D 9 -2.79 2.76 -10.09
CA ARG D 9 -2.26 2.75 -8.74
C ARG D 9 -2.00 1.33 -8.27
N ASP D 10 -2.97 0.44 -8.48
CA ASP D 10 -2.82 -0.97 -8.16
C ASP D 10 -1.68 -1.61 -8.98
N LEU D 11 -1.61 -1.28 -10.26
CA LEU D 11 -0.60 -1.84 -11.12
C LEU D 11 0.82 -1.43 -10.73
N GLU D 12 0.97 -0.20 -10.32
CA GLU D 12 2.24 0.31 -9.82
C GLU D 12 2.66 -0.41 -8.52
N MSE D 13 1.69 -0.61 -7.63
CA MSE D 13 1.87 -1.39 -6.41
C MSE D 13 2.21 -2.82 -6.74
O MSE D 13 3.08 -3.37 -6.16
CB MSE D 13 0.63 -1.42 -5.51
CG MSE D 13 0.97 -0.86 -4.14
SE MSE D 13 -0.67 -0.86 -3.05
CE MSE D 13 -1.60 0.70 -3.82
N TYR D 14 1.54 -3.41 -7.73
CA TYR D 14 1.89 -4.76 -8.16
C TYR D 14 3.35 -4.84 -8.63
N ARG D 15 3.75 -3.91 -9.48
CA ARG D 15 5.12 -3.89 -9.99
C ARG D 15 6.12 -3.79 -8.84
N ASP D 16 5.87 -2.92 -7.88
CA ASP D 16 6.80 -2.73 -6.78
C ASP D 16 6.87 -3.93 -5.85
N VAL D 17 5.76 -4.54 -5.54
CA VAL D 17 5.80 -5.64 -4.62
C VAL D 17 6.42 -6.89 -5.24
N VAL D 18 6.14 -7.13 -6.51
CA VAL D 18 6.71 -8.28 -7.20
C VAL D 18 8.22 -8.14 -7.28
N LEU D 19 8.69 -6.94 -7.62
CA LEU D 19 10.12 -6.67 -7.65
C LEU D 19 10.77 -7.08 -6.34
N SER D 20 10.14 -6.69 -5.24
CA SER D 20 10.62 -6.96 -3.89
C SER D 20 10.59 -8.45 -3.49
N ILE D 21 9.50 -9.11 -3.85
CA ILE D 21 9.35 -10.52 -3.57
C ILE D 21 10.43 -11.31 -4.30
N LYS D 22 10.68 -10.99 -5.55
CA LYS D 22 11.72 -11.71 -6.32
C LYS D 22 13.11 -11.58 -5.69
N ARG D 23 13.38 -10.40 -5.16
CA ARG D 23 14.62 -10.17 -4.46
C ARG D 23 14.68 -11.02 -3.22
N ASN D 24 13.59 -11.07 -2.49
CA ASN D 24 13.61 -11.88 -1.31
C ASN D 24 13.82 -13.35 -1.66
N LEU D 25 13.19 -13.81 -2.74
CA LEU D 25 13.35 -15.17 -3.23
C LEU D 25 14.81 -15.49 -3.59
N ARG D 26 15.55 -14.53 -4.14
CA ARG D 26 16.96 -14.72 -4.44
C ARG D 26 17.74 -14.99 -3.15
N LEU D 27 17.50 -14.23 -2.09
CA LEU D 27 18.12 -14.48 -0.79
C LEU D 27 17.76 -15.84 -0.21
N TYR D 28 16.50 -16.27 -0.33
CA TYR D 28 16.13 -17.60 0.19
C TYR D 28 16.91 -18.63 -0.58
N GLU D 29 17.00 -18.46 -1.89
CA GLU D 29 17.68 -19.41 -2.76
C GLU D 29 19.14 -19.56 -2.38
N GLU D 30 19.81 -18.43 -2.16
CA GLU D 30 21.22 -18.45 -1.80
C GLU D 30 21.43 -19.10 -0.44
N CYS D 31 20.65 -18.67 0.55
CA CYS D 31 20.75 -19.20 1.92
C CYS D 31 20.51 -20.73 1.99
N ILE D 32 19.56 -21.20 1.21
CA ILE D 32 19.28 -22.62 1.11
C ILE D 32 20.43 -23.37 0.43
N GLU D 33 21.03 -22.82 -0.64
CA GLU D 33 22.18 -23.47 -1.31
C GLU D 33 23.32 -23.71 -0.33
N SER D 34 23.53 -22.74 0.56
CA SER D 34 24.56 -22.77 1.59
C SER D 34 24.26 -23.75 2.72
N LEU D 35 23.01 -23.83 3.16
CA LEU D 35 22.58 -24.83 4.18
C LEU D 35 22.68 -26.23 3.69
N VAL D 36 22.28 -26.45 2.45
CA VAL D 36 22.43 -27.74 1.80
C VAL D 36 23.93 -28.12 1.80
N HIS D 37 24.81 -27.18 1.40
CA HIS D 37 26.24 -27.41 1.40
C HIS D 37 26.77 -27.78 2.79
N GLN D 38 26.38 -27.00 3.80
CA GLN D 38 26.80 -27.25 5.18
C GLN D 38 26.34 -28.59 5.71
N ILE D 39 25.05 -28.89 5.51
CA ILE D 39 24.47 -30.16 5.93
C ILE D 39 25.22 -31.34 5.33
N GLY D 40 25.60 -31.22 4.06
CA GLY D 40 26.32 -32.27 3.34
C GLY D 40 27.77 -32.40 3.78
N SER D 41 28.27 -31.44 4.55
CA SER D 41 29.64 -31.46 5.03
C SER D 41 29.71 -31.74 6.51
N THR D 42 28.65 -32.18 7.17
CA THR D 42 28.73 -32.45 8.60
C THR D 42 28.03 -33.74 8.95
N ASN D 43 28.21 -34.22 10.17
CA ASN D 43 27.54 -35.44 10.59
C ASN D 43 26.05 -35.26 10.91
N PHE D 44 25.31 -36.36 10.97
CA PHE D 44 23.87 -36.28 11.15
C PHE D 44 23.46 -35.55 12.41
N ASP D 45 24.08 -35.84 13.53
CA ASP D 45 23.68 -35.16 14.77
C ASP D 45 23.82 -33.64 14.70
N ASN D 46 24.95 -33.19 14.18
CA ASN D 46 25.29 -31.78 14.13
C ASN D 46 24.49 -31.05 13.05
N ALA D 47 23.87 -31.80 12.15
CA ALA D 47 23.02 -31.28 11.08
C ALA D 47 21.61 -30.94 11.54
N GLN D 48 21.19 -31.39 12.71
CA GLN D 48 19.80 -31.21 13.09
C GLN D 48 19.37 -29.75 13.20
N PRO D 49 20.20 -28.90 13.83
CA PRO D 49 19.75 -27.50 13.88
C PRO D 49 19.80 -26.83 12.51
N LEU D 50 20.61 -27.38 11.62
CA LEU D 50 20.71 -26.87 10.28
C LEU D 50 19.49 -27.26 9.48
N PHE D 51 19.00 -28.48 9.71
CA PHE D 51 17.80 -28.96 9.07
C PHE D 51 16.62 -28.17 9.60
N ASP D 52 16.63 -27.83 10.90
CA ASP D 52 15.52 -27.06 11.48
C ASP D 52 15.37 -25.72 10.73
N ASP D 53 16.50 -25.05 10.47
CA ASP D 53 16.52 -23.81 9.65
C ASP D 53 16.05 -24.05 8.22
N LEU D 54 16.57 -25.10 7.60
CA LEU D 54 16.18 -25.43 6.23
C LEU D 54 14.71 -25.68 6.11
N PHE D 55 14.14 -26.50 6.98
CA PHE D 55 12.68 -26.75 6.88
C PHE D 55 11.80 -25.58 7.28
N ARG D 56 12.33 -24.73 8.16
CA ARG D 56 11.61 -23.53 8.58
C ARG D 56 11.47 -22.62 7.36
N MSE D 57 12.51 -22.56 6.54
CA MSE D 57 12.48 -21.77 5.32
C MSE D 57 11.54 -22.35 4.31
O MSE D 57 10.86 -21.61 3.66
CB MSE D 57 13.89 -21.62 4.76
CG MSE D 57 14.71 -20.65 5.61
SE MSE D 57 16.48 -20.31 4.79
CE MSE D 57 16.73 -18.44 5.41
N GLN D 58 11.58 -23.65 4.12
CA GLN D 58 10.68 -24.31 3.23
C GLN D 58 9.25 -24.00 3.65
N SER D 59 8.99 -24.01 4.97
CA SER D 59 7.63 -23.79 5.51
C SER D 59 7.15 -22.42 5.19
N GLU D 60 8.04 -21.46 5.21
CA GLU D 60 7.67 -20.13 4.88
C GLU D 60 7.38 -20.03 3.38
N LEU D 61 8.21 -20.72 2.57
CA LEU D 61 8.03 -20.69 1.13
C LEU D 61 6.73 -21.40 0.76
N ALA D 62 6.38 -22.45 1.49
CA ALA D 62 5.10 -23.11 1.29
C ALA D 62 3.91 -22.20 1.65
N THR D 63 4.06 -21.39 2.70
CA THR D 63 3.04 -20.45 3.08
C THR D 63 2.87 -19.43 1.96
N MSE D 64 3.97 -19.01 1.38
CA MSE D 64 3.88 -18.11 0.26
C MSE D 64 3.06 -18.69 -0.88
O MSE D 64 2.26 -18.00 -1.50
CB MSE D 64 5.27 -17.73 -0.21
CG MSE D 64 5.30 -17.17 -1.62
SE MSE D 64 7.15 -17.23 -2.25
CE MSE D 64 7.19 -19.10 -2.85
N LEU D 65 3.32 -19.95 -1.21
CA LEU D 65 2.67 -20.59 -2.36
C LEU D 65 1.17 -20.83 -2.10
N TYR D 66 0.84 -21.31 -0.93
CA TYR D 66 -0.53 -21.79 -0.67
C TYR D 66 -1.37 -20.71 -0.03
N LYS D 67 -0.85 -19.96 0.92
CA LYS D 67 -1.69 -18.95 1.56
C LYS D 67 -1.84 -17.68 0.73
N TYR D 68 -0.74 -17.18 0.16
CA TYR D 68 -0.77 -15.93 -0.55
C TYR D 68 -0.80 -16.13 -2.04
N GLU D 69 -0.59 -17.36 -2.49
CA GLU D 69 -0.68 -17.71 -3.90
C GLU D 69 0.32 -16.98 -4.79
N TYR D 70 1.53 -16.77 -4.28
CA TYR D 70 2.60 -16.32 -5.14
C TYR D 70 3.29 -17.56 -5.69
N LYS D 71 3.27 -17.71 -7.01
CA LYS D 71 3.85 -18.89 -7.66
C LYS D 71 5.30 -18.54 -8.06
N PRO D 72 6.31 -19.20 -7.45
CA PRO D 72 7.70 -18.81 -7.70
C PRO D 72 8.30 -19.54 -8.92
N GLY D 73 9.59 -19.32 -9.20
CA GLY D 73 10.30 -20.06 -10.26
C GLY D 73 10.38 -21.56 -9.95
N LYS D 74 10.45 -22.36 -11.03
CA LYS D 74 10.49 -23.84 -10.94
C LYS D 74 11.43 -24.39 -9.88
N ARG D 75 12.59 -23.78 -9.74
CA ARG D 75 13.54 -24.22 -8.74
C ARG D 75 12.99 -24.23 -7.33
N ILE D 76 12.45 -23.08 -6.93
CA ILE D 76 11.79 -22.93 -5.64
C ILE D 76 10.52 -23.80 -5.54
N GLN D 77 9.73 -23.94 -6.61
CA GLN D 77 8.59 -24.86 -6.60
C GLN D 77 8.99 -26.30 -6.34
N ASP D 78 10.04 -26.76 -7.00
CA ASP D 78 10.58 -28.09 -6.75
C ASP D 78 11.07 -28.23 -5.35
N LEU D 79 11.76 -27.23 -4.85
CA LEU D 79 12.18 -27.24 -3.47
C LEU D 79 11.02 -27.34 -2.48
N ILE D 80 9.97 -26.56 -2.70
CA ILE D 80 8.78 -26.61 -1.81
C ILE D 80 8.17 -28.01 -1.77
N TYR D 81 8.09 -28.67 -2.90
CA TYR D 81 7.61 -30.05 -2.94
C TYR D 81 8.59 -31.02 -2.22
N HIS D 82 9.80 -31.11 -2.70
CA HIS D 82 10.74 -32.11 -2.16
C HIS D 82 11.04 -32.00 -0.67
N LEU D 83 11.04 -30.80 -0.10
CA LEU D 83 11.38 -30.58 1.30
C LEU D 83 10.22 -30.36 2.22
N ASP D 84 9.00 -30.62 1.75
CA ASP D 84 7.81 -30.43 2.57
C ASP D 84 7.77 -31.38 3.75
N ARG D 85 8.07 -32.63 3.51
CA ARG D 85 8.06 -33.60 4.56
C ARG D 85 9.30 -33.48 5.44
N ASP D 86 9.09 -33.27 6.74
CA ASP D 86 10.13 -32.97 7.70
C ASP D 86 9.98 -33.93 8.85
N ASP D 87 10.77 -34.99 8.84
CA ASP D 87 10.83 -35.90 9.98
C ASP D 87 12.19 -36.56 9.98
N PHE D 88 12.41 -37.44 10.95
CA PHE D 88 13.67 -38.21 11.06
C PHE D 88 14.03 -38.94 9.76
N TYR D 89 13.03 -39.53 9.11
CA TYR D 89 13.23 -40.43 7.96
C TYR D 89 13.52 -39.64 6.71
N SER D 90 12.93 -38.46 6.56
CA SER D 90 13.25 -37.62 5.41
C SER D 90 14.61 -36.97 5.64
N ARG D 91 14.91 -36.58 6.89
CA ARG D 91 16.25 -36.04 7.20
C ARG D 91 17.38 -37.02 6.93
N LYS D 92 17.17 -38.28 7.28
CA LYS D 92 18.15 -39.31 7.03
C LYS D 92 18.41 -39.38 5.51
N TYR D 93 17.33 -39.37 4.71
CA TYR D 93 17.44 -39.44 3.26
C TYR D 93 18.17 -38.23 2.68
N TRP D 94 17.78 -37.03 3.09
CA TRP D 94 18.37 -35.82 2.51
C TRP D 94 19.81 -35.67 2.96
N HIS D 95 20.11 -36.04 4.21
CA HIS D 95 21.50 -35.94 4.67
C HIS D 95 22.41 -36.79 3.79
N LYS D 96 21.99 -38.02 3.53
CA LYS D 96 22.75 -38.91 2.70
C LYS D 96 22.96 -38.32 1.34
N LYS D 97 21.89 -37.84 0.71
CA LYS D 97 22.01 -37.32 -0.66
C LYS D 97 22.91 -36.10 -0.71
N PHE D 98 22.78 -35.19 0.27
CA PHE D 98 23.56 -33.95 0.28
C PHE D 98 25.05 -34.25 0.57
N SER D 99 25.33 -35.19 1.47
CA SER D 99 26.69 -35.71 1.71
C SER D 99 27.34 -36.30 0.47
N ASP D 100 26.58 -36.98 -0.38
CA ASP D 100 27.11 -37.54 -1.64
C ASP D 100 27.28 -36.50 -2.74
N GLY D 101 27.00 -35.22 -2.44
CA GLY D 101 27.22 -34.13 -3.38
C GLY D 101 26.00 -33.50 -4.04
N LEU D 102 24.79 -33.81 -3.58
CA LEU D 102 23.59 -33.14 -4.09
C LEU D 102 23.54 -31.68 -3.59
N ALA D 103 23.47 -30.73 -4.52
CA ALA D 103 23.56 -29.29 -4.23
C ALA D 103 22.19 -28.61 -4.06
N TRP D 104 21.14 -29.25 -4.57
CA TRP D 104 19.78 -28.69 -4.52
C TRP D 104 18.81 -29.86 -4.56
N PRO D 105 17.71 -29.81 -3.82
CA PRO D 105 16.79 -30.96 -3.82
C PRO D 105 16.22 -31.40 -5.17
N GLU D 106 16.42 -32.66 -5.49
CA GLU D 106 15.99 -33.22 -6.77
C GLU D 106 15.42 -34.61 -6.54
N ALA D 107 14.58 -35.02 -7.48
CA ALA D 107 13.94 -36.33 -7.42
C ALA D 107 14.96 -37.46 -7.48
N GLY D 108 14.72 -38.51 -6.71
CA GLY D 108 15.50 -39.73 -6.78
C GLY D 108 15.39 -40.38 -8.15
N ILE E 6 28.11 7.76 -34.58
CA ILE E 6 27.92 8.64 -33.40
C ILE E 6 26.49 9.21 -33.36
N GLY E 7 26.31 10.19 -32.50
CA GLY E 7 25.03 10.86 -32.33
C GLY E 7 24.41 11.43 -33.58
N LYS E 8 23.18 11.01 -33.87
CA LYS E 8 22.37 11.55 -34.96
C LYS E 8 21.16 12.25 -34.35
N LYS E 9 20.99 13.51 -34.71
CA LYS E 9 19.92 14.33 -34.18
C LYS E 9 18.58 13.80 -34.68
N ILE E 10 17.59 13.76 -33.79
CA ILE E 10 16.20 13.50 -34.16
C ILE E 10 15.57 14.86 -34.47
N SER E 11 15.02 14.97 -35.68
CA SER E 11 14.36 16.20 -36.12
C SER E 11 12.86 16.09 -35.90
N PHE E 12 12.26 17.26 -35.62
CA PHE E 12 10.85 17.37 -35.36
C PHE E 12 10.30 18.52 -36.18
N ASP E 13 9.34 18.24 -37.08
CA ASP E 13 8.74 19.27 -37.90
C ASP E 13 7.29 19.60 -37.50
N GLY E 14 6.88 19.37 -36.25
CA GLY E 14 5.50 19.59 -35.80
C GLY E 14 4.62 18.35 -35.94
N ASP E 15 4.87 17.55 -36.98
CA ASP E 15 4.04 16.37 -37.30
C ASP E 15 4.75 15.05 -37.10
N PHE E 16 6.07 15.02 -37.31
CA PHE E 16 6.83 13.78 -37.29
C PHE E 16 8.15 13.94 -36.58
N TYR E 17 8.63 12.84 -36.03
CA TYR E 17 10.00 12.76 -35.58
C TYR E 17 10.75 11.91 -36.61
N THR E 18 11.93 12.36 -37.02
CA THR E 18 12.62 11.76 -38.14
C THR E 18 14.08 11.61 -37.81
N VAL E 19 14.68 10.53 -38.28
CA VAL E 19 16.12 10.29 -38.14
C VAL E 19 16.50 9.00 -38.89
N ASP E 20 17.68 9.00 -39.55
CA ASP E 20 18.25 7.81 -40.24
C ASP E 20 17.29 7.27 -41.31
N GLY E 21 16.54 8.15 -41.94
CA GLY E 21 15.56 7.73 -42.92
C GLY E 21 14.30 7.07 -42.35
N MSE E 22 14.11 7.09 -41.04
CA MSE E 22 12.88 6.59 -40.43
C MSE E 22 12.06 7.74 -39.91
O MSE E 22 12.58 8.81 -39.54
CB MSE E 22 13.17 5.69 -39.25
CG MSE E 22 13.85 4.41 -39.68
SE MSE E 22 14.75 3.65 -38.09
CE MSE E 22 16.40 3.03 -38.96
N LYS E 23 10.75 7.53 -39.80
CA LYS E 23 9.93 8.53 -39.14
C LYS E 23 8.74 7.93 -38.46
N PHE E 24 8.33 8.61 -37.38
CA PHE E 24 7.15 8.31 -36.57
C PHE E 24 6.28 9.56 -36.44
N SER E 25 4.97 9.44 -36.53
CA SER E 25 4.11 10.58 -36.14
C SER E 25 4.35 11.01 -34.69
N LYS E 26 4.10 12.28 -34.44
CA LYS E 26 4.28 12.85 -33.12
C LYS E 26 3.58 12.02 -32.07
N SER E 27 2.32 11.71 -32.28
CA SER E 27 1.55 11.12 -31.22
C SER E 27 1.96 9.66 -31.04
N TYR E 28 2.21 8.96 -32.15
CA TYR E 28 2.53 7.55 -32.01
C TYR E 28 3.88 7.41 -31.29
N TYR E 29 4.83 8.26 -31.65
CA TYR E 29 6.13 8.27 -31.00
C TYR E 29 5.99 8.43 -29.49
N GLU E 30 5.20 9.40 -29.08
CA GLU E 30 5.08 9.69 -27.65
C GLU E 30 4.35 8.59 -26.92
N LYS E 31 3.40 7.98 -27.63
CA LYS E 31 2.58 6.93 -27.06
C LYS E 31 3.43 5.72 -26.70
N LEU E 32 4.35 5.36 -27.59
CA LEU E 32 5.22 4.23 -27.37
C LEU E 32 6.08 4.41 -26.14
N TRP E 33 6.75 5.54 -25.99
CA TRP E 33 7.48 5.78 -24.73
C TRP E 33 6.58 5.76 -23.48
N GLU E 34 5.41 6.35 -23.60
CA GLU E 34 4.49 6.45 -22.52
C GLU E 34 3.97 5.09 -22.11
N GLN E 35 3.78 4.17 -23.05
CA GLN E 35 3.21 2.87 -22.70
C GLN E 35 4.22 1.83 -22.24
N GLY E 36 5.48 2.20 -22.16
CA GLY E 36 6.47 1.27 -21.73
C GLY E 36 7.10 0.50 -22.86
N ARG E 37 7.05 1.08 -24.06
CA ARG E 37 7.78 0.56 -25.24
C ARG E 37 8.79 1.59 -25.76
N PRO E 38 9.84 1.82 -25.00
CA PRO E 38 10.80 2.86 -25.32
C PRO E 38 11.65 2.54 -26.53
N ALA E 39 12.33 3.58 -26.99
CA ALA E 39 13.31 3.54 -28.06
C ALA E 39 12.74 2.96 -29.34
N PRO E 40 11.68 3.60 -29.89
CA PRO E 40 11.05 3.12 -31.11
C PRO E 40 11.93 3.13 -32.35
N PHE E 41 12.88 4.06 -32.44
CA PHE E 41 13.81 4.05 -33.58
C PHE E 41 14.76 2.89 -33.46
N VAL E 42 15.22 2.62 -32.26
CA VAL E 42 16.04 1.44 -32.03
C VAL E 42 15.26 0.15 -32.39
N GLN E 43 14.02 0.02 -31.92
CA GLN E 43 13.19 -1.15 -32.29
C GLN E 43 13.07 -1.29 -33.82
N ALA E 44 12.74 -0.19 -34.50
CA ALA E 44 12.47 -0.27 -35.95
C ALA E 44 13.74 -0.61 -36.73
N ARG E 45 14.85 -0.05 -36.30
CA ARG E 45 16.12 -0.40 -36.90
C ARG E 45 16.44 -1.88 -36.72
N GLU E 46 16.18 -2.41 -35.53
CA GLU E 46 16.38 -3.84 -35.35
C GLU E 46 15.57 -4.62 -36.37
N VAL E 47 14.33 -4.19 -36.61
CA VAL E 47 13.53 -4.95 -37.58
C VAL E 47 14.17 -4.88 -38.96
N LEU E 48 14.56 -3.67 -39.37
CA LEU E 48 15.05 -3.43 -40.71
C LEU E 48 16.35 -4.22 -40.93
N ASN E 49 17.14 -4.43 -39.87
CA ASN E 49 18.43 -5.13 -39.90
C ASN E 49 18.37 -6.61 -39.54
N SER E 50 17.17 -7.17 -39.51
CA SER E 50 17.00 -8.57 -39.08
C SER E 50 16.70 -9.51 -40.22
N ASN E 51 17.03 -9.11 -41.45
CA ASN E 51 16.52 -9.77 -42.65
C ASN E 51 15.04 -10.07 -42.50
N PRO E 52 14.23 -9.04 -42.40
CA PRO E 52 12.85 -9.33 -42.06
C PRO E 52 12.05 -9.97 -43.21
N LYS E 53 11.02 -10.73 -42.85
CA LYS E 53 10.01 -11.22 -43.77
C LYS E 53 9.14 -10.03 -44.15
N ILE E 54 8.98 -9.80 -45.45
CA ILE E 54 8.30 -8.63 -45.94
C ILE E 54 7.11 -9.11 -46.73
N GLU E 55 5.95 -8.52 -46.45
CA GLU E 55 4.70 -8.83 -47.15
C GLU E 55 3.88 -7.53 -47.30
N PRO E 56 2.83 -7.56 -48.15
CA PRO E 56 1.94 -6.39 -48.21
C PRO E 56 1.27 -6.15 -46.86
N ASP E 57 0.96 -4.89 -46.52
CA ASP E 57 0.11 -4.64 -45.36
C ASP E 57 -1.19 -5.46 -45.46
N PRO E 58 -1.46 -6.37 -44.50
CA PRO E 58 -2.72 -7.13 -44.55
C PRO E 58 -3.98 -6.25 -44.50
N ARG E 59 -3.92 -5.09 -43.86
CA ARG E 59 -5.06 -4.18 -43.86
C ARG E 59 -5.13 -3.31 -45.12
N GLY E 60 -4.10 -3.32 -45.96
CA GLY E 60 -4.16 -2.54 -47.20
C GLY E 60 -3.94 -1.03 -47.14
N ALA E 61 -3.31 -0.53 -46.10
CA ALA E 61 -2.91 0.87 -46.09
C ALA E 61 -1.95 1.16 -47.26
N PRO E 62 -2.19 2.25 -48.01
CA PRO E 62 -1.41 2.42 -49.24
C PRO E 62 0.05 2.80 -48.97
N GLY E 63 0.96 2.19 -49.73
CA GLY E 63 2.42 2.37 -49.56
C GLY E 63 3.06 1.51 -48.47
N TYR E 64 2.25 0.85 -47.65
CA TYR E 64 2.77 0.20 -46.44
C TYR E 64 2.99 -1.26 -46.69
N LEU E 65 3.97 -1.80 -45.97
CA LEU E 65 4.24 -3.25 -45.94
C LEU E 65 4.35 -3.74 -44.52
N ARG E 66 4.10 -5.02 -44.34
CA ARG E 66 4.35 -5.66 -43.07
C ARG E 66 5.73 -6.33 -43.05
N TYR E 67 6.54 -5.94 -42.07
CA TYR E 67 7.87 -6.47 -41.82
C TYR E 67 7.86 -7.23 -40.51
N GLU E 68 8.52 -8.39 -40.49
CA GLU E 68 8.58 -9.20 -39.30
C GLU E 68 10.01 -9.68 -39.05
N GLY E 69 10.54 -9.35 -37.88
CA GLY E 69 11.86 -9.78 -37.51
C GLY E 69 12.20 -9.20 -36.16
N ALA E 70 13.25 -9.75 -35.56
CA ALA E 70 13.71 -9.32 -34.24
C ALA E 70 12.64 -9.39 -33.16
N GLY E 71 11.73 -10.32 -33.29
CA GLY E 71 10.68 -10.45 -32.30
C GLY E 71 9.52 -9.46 -32.47
N LEU E 72 9.50 -8.71 -33.56
CA LEU E 72 8.52 -7.65 -33.73
C LEU E 72 7.91 -7.71 -35.14
N GLU E 73 6.77 -7.04 -35.27
CA GLU E 73 6.02 -6.87 -36.49
C GLU E 73 5.85 -5.39 -36.60
N MSE E 74 6.04 -4.92 -37.82
CA MSE E 74 6.00 -3.53 -38.12
C MSE E 74 5.29 -3.27 -39.42
O MSE E 74 5.41 -4.05 -40.39
CB MSE E 74 7.46 -3.12 -38.15
CG MSE E 74 7.71 -1.80 -38.86
SE MSE E 74 9.58 -1.25 -38.62
CE MSE E 74 10.27 -1.82 -40.37
N ILE E 75 4.56 -2.18 -39.46
CA ILE E 75 3.90 -1.69 -40.64
C ILE E 75 4.66 -0.41 -41.01
N TYR E 76 5.26 -0.44 -42.19
CA TYR E 76 6.33 0.50 -42.62
C TYR E 76 6.21 0.82 -44.11
N ASN E 77 6.40 2.11 -44.40
CA ASN E 77 6.35 2.63 -45.75
C ASN E 77 7.78 2.86 -46.23
N PRO E 78 8.32 1.91 -47.02
CA PRO E 78 9.71 2.07 -47.53
C PRO E 78 9.96 3.35 -48.37
N LYS E 79 8.93 3.94 -48.98
CA LYS E 79 9.10 5.21 -49.69
C LYS E 79 9.25 6.39 -48.72
N THR E 80 8.34 6.54 -47.76
CA THR E 80 8.39 7.68 -46.85
C THR E 80 9.27 7.43 -45.63
N GLY E 81 9.59 6.18 -45.33
CA GLY E 81 10.31 5.86 -44.11
C GLY E 81 9.44 5.83 -42.85
N GLN E 82 8.13 5.95 -43.02
CA GLN E 82 7.27 6.05 -41.83
C GLN E 82 6.97 4.67 -41.30
N VAL E 83 7.24 4.53 -40.01
CA VAL E 83 6.78 3.38 -39.21
C VAL E 83 5.37 3.69 -38.72
N GLY E 84 4.36 3.03 -39.29
CA GLY E 84 2.97 3.34 -38.90
C GLY E 84 2.51 2.58 -37.66
N HIS E 85 3.11 1.42 -37.44
CA HIS E 85 2.82 0.58 -36.30
C HIS E 85 3.89 -0.48 -36.08
N ILE E 86 4.22 -0.70 -34.82
CA ILE E 86 5.23 -1.67 -34.42
C ILE E 86 4.85 -2.23 -33.04
N GLN E 87 4.92 -3.56 -32.89
CA GLN E 87 4.60 -4.26 -31.63
C GLN E 87 5.28 -5.63 -31.63
N PRO E 88 5.45 -6.27 -30.45
CA PRO E 88 5.99 -7.62 -30.38
C PRO E 88 5.11 -8.64 -31.09
N VAL E 89 5.65 -9.72 -31.60
CA VAL E 89 4.80 -10.72 -32.23
C VAL E 89 3.85 -11.36 -31.23
N LYS E 90 2.78 -11.95 -31.74
CA LYS E 90 1.81 -12.61 -30.88
C LYS E 90 2.50 -13.70 -30.07
N VAL E 91 2.22 -13.73 -28.78
CA VAL E 91 2.76 -14.78 -27.89
C VAL E 91 2.22 -16.16 -28.31
N LYS F 10 26.53 33.01 -18.10
CA LYS F 10 27.29 33.34 -16.86
C LYS F 10 27.37 32.11 -15.93
N PRO F 11 28.47 31.93 -15.16
CA PRO F 11 28.55 30.77 -14.26
C PRO F 11 27.57 30.81 -13.08
N HIS F 12 26.78 29.75 -12.92
CA HIS F 12 25.84 29.61 -11.80
C HIS F 12 26.53 28.94 -10.61
N VAL F 13 26.26 29.43 -9.40
CA VAL F 13 26.86 28.90 -8.17
C VAL F 13 25.83 28.98 -7.05
N ASN F 14 25.67 27.87 -6.30
CA ASN F 14 24.77 27.83 -5.16
C ASN F 14 25.56 27.93 -3.86
N VAL F 15 25.25 28.94 -3.06
CA VAL F 15 25.86 29.14 -1.76
C VAL F 15 24.77 29.24 -0.71
N GLY F 16 25.18 29.32 0.56
CA GLY F 16 24.24 29.48 1.67
C GLY F 16 24.89 30.03 2.92
N THR F 17 24.06 30.46 3.86
CA THR F 17 24.52 31.02 5.12
C THR F 17 24.26 30.02 6.24
N ILE F 18 25.27 29.81 7.09
CA ILE F 18 25.17 28.94 8.26
C ILE F 18 25.75 29.65 9.47
N GLY F 19 25.43 29.13 10.66
CA GLY F 19 25.93 29.69 11.90
C GLY F 19 24.89 29.74 12.98
N HIS F 20 25.27 30.25 14.15
CA HIS F 20 24.42 30.23 15.34
C HIS F 20 23.34 31.32 15.28
N VAL F 21 22.31 31.18 16.11
CA VAL F 21 21.19 32.14 16.20
C VAL F 21 21.63 33.58 16.54
N ASP F 22 20.92 34.56 15.97
CA ASP F 22 21.17 35.99 16.21
C ASP F 22 22.55 36.53 15.81
N HIS F 23 23.35 35.74 15.10
CA HIS F 23 24.69 36.18 14.71
C HIS F 23 24.70 37.01 13.43
N GLY F 24 23.59 37.02 12.69
CA GLY F 24 23.37 37.92 11.55
C GLY F 24 23.28 37.25 10.19
N LYS F 25 22.72 36.04 10.16
CA LYS F 25 22.65 35.26 8.93
C LYS F 25 21.61 35.86 7.98
N THR F 26 20.42 36.15 8.52
CA THR F 26 19.33 36.77 7.75
C THR F 26 19.70 38.21 7.35
N THR F 27 20.42 38.92 8.22
CA THR F 27 20.90 40.26 7.91
C THR F 27 21.95 40.26 6.78
N LEU F 28 22.92 39.36 6.88
CA LEU F 28 23.99 39.27 5.87
C LEU F 28 23.45 38.88 4.50
N THR F 29 22.50 37.95 4.48
CA THR F 29 21.82 37.56 3.24
C THR F 29 21.20 38.78 2.53
N ALA F 30 20.57 39.65 3.30
CA ALA F 30 19.97 40.88 2.77
C ALA F 30 21.05 41.89 2.38
N ALA F 31 22.06 42.05 3.22
CA ALA F 31 23.15 43.00 2.96
C ALA F 31 23.93 42.69 1.67
N ILE F 32 24.16 41.40 1.39
CA ILE F 32 24.92 41.00 0.19
C ILE F 32 24.15 41.41 -1.06
N THR F 33 22.91 40.97 -1.17
CA THR F 33 22.13 41.29 -2.37
C THR F 33 21.90 42.81 -2.59
N THR F 34 21.85 43.60 -1.51
CA THR F 34 21.70 45.06 -1.59
C THR F 34 22.94 45.77 -2.14
N VAL F 35 24.11 45.39 -1.62
CA VAL F 35 25.37 46.02 -2.00
C VAL F 35 25.72 45.68 -3.45
N LEU F 36 25.79 44.39 -3.77
CA LEU F 36 26.15 43.98 -5.13
C LEU F 36 25.22 44.61 -6.17
N ALA F 37 23.93 44.71 -5.86
CA ALA F 37 22.98 45.42 -6.73
C ALA F 37 23.43 46.87 -6.96
N LYS F 38 23.67 47.58 -5.88
CA LYS F 38 24.07 48.98 -5.97
C LYS F 38 25.40 49.18 -6.69
N THR F 39 26.35 48.26 -6.51
CA THR F 39 27.71 48.40 -7.06
C THR F 39 27.77 47.93 -8.52
N TYR F 40 27.56 46.64 -8.75
CA TYR F 40 27.76 46.00 -10.05
C TYR F 40 26.47 45.90 -10.85
N GLY F 41 26.29 46.76 -11.86
CA GLY F 41 25.04 46.82 -12.61
C GLY F 41 23.84 47.39 -11.86
N GLY F 42 24.08 48.45 -11.07
CA GLY F 42 23.06 49.33 -10.50
C GLY F 42 23.03 50.66 -11.23
N GLY G 1 4.30 14.77 3.82
CA GLY G 1 5.21 15.70 3.18
C GLY G 1 6.07 16.49 4.15
N ILE G 2 7.39 16.43 3.97
CA ILE G 2 8.31 17.32 4.68
C ILE G 2 7.99 18.78 4.37
N THR G 3 8.37 19.67 5.29
CA THR G 3 8.20 21.12 5.12
C THR G 3 9.53 21.81 5.40
N ILE G 4 10.06 22.54 4.41
CA ILE G 4 11.29 23.32 4.58
C ILE G 4 10.98 24.76 4.20
N ASN G 5 11.17 25.66 5.17
CA ASN G 5 11.02 27.10 4.97
C ASN G 5 12.39 27.67 4.67
N THR G 6 12.54 28.25 3.49
CA THR G 6 13.77 28.91 3.07
C THR G 6 13.49 30.23 2.38
N SER G 7 14.52 31.07 2.34
CA SER G 7 14.50 32.32 1.61
C SER G 7 15.52 32.17 0.51
N HIS G 8 15.13 32.49 -0.72
CA HIS G 8 15.99 32.36 -1.87
C HIS G 8 16.28 33.75 -2.43
N VAL G 9 17.52 34.18 -2.25
CA VAL G 9 17.96 35.49 -2.71
C VAL G 9 18.93 35.22 -3.84
N GLU G 10 19.00 36.12 -4.80
CA GLU G 10 19.91 35.97 -5.95
C GLU G 10 20.68 37.26 -6.17
N TYR G 11 22.00 37.15 -6.31
CA TYR G 11 22.84 38.30 -6.61
C TYR G 11 23.93 37.96 -7.64
N ASP G 12 24.48 39.03 -8.22
CA ASP G 12 25.53 38.94 -9.24
C ASP G 12 26.78 39.75 -8.84
N THR G 13 27.94 39.08 -8.86
CA THR G 13 29.25 39.72 -8.87
C THR G 13 29.57 39.95 -10.36
N PRO G 14 30.61 40.74 -10.68
CA PRO G 14 30.79 41.01 -12.12
C PRO G 14 31.12 39.78 -12.97
N THR G 15 31.69 38.74 -12.35
CA THR G 15 32.04 37.51 -13.06
C THR G 15 31.02 36.36 -12.91
N ARG G 16 30.33 36.26 -11.77
CA ARG G 16 29.45 35.09 -11.52
C ARG G 16 28.06 35.43 -10.97
N HIS G 17 27.11 34.53 -11.22
CA HIS G 17 25.73 34.63 -10.73
C HIS G 17 25.57 33.68 -9.55
N TYR G 18 25.06 34.18 -8.42
CA TYR G 18 24.92 33.40 -7.19
C TYR G 18 23.47 33.16 -6.79
N ALA G 19 23.17 31.96 -6.31
CA ALA G 19 21.86 31.60 -5.74
C ALA G 19 22.10 31.31 -4.28
N HIS G 20 21.60 32.19 -3.42
CA HIS G 20 21.86 32.16 -1.98
C HIS G 20 20.62 31.61 -1.26
N VAL G 21 20.83 30.67 -0.34
CA VAL G 21 19.74 30.02 0.41
C VAL G 21 19.93 30.11 1.93
N ASP G 22 19.16 30.99 2.54
CA ASP G 22 19.17 31.17 4.00
C ASP G 22 17.89 30.54 4.58
N CYS G 23 17.94 30.21 5.87
CA CYS G 23 16.80 29.59 6.57
C CYS G 23 16.50 30.26 7.92
N PRO G 24 15.21 30.41 8.29
CA PRO G 24 14.89 31.06 9.57
C PRO G 24 15.27 30.25 10.82
N GLY G 25 14.89 28.97 10.86
CA GLY G 25 15.08 28.13 12.04
C GLY G 25 16.33 27.25 11.99
N HIS G 26 16.94 27.00 13.15
CA HIS G 26 18.03 26.03 13.22
C HIS G 26 17.64 24.70 12.60
N ALA G 27 16.43 24.25 12.93
CA ALA G 27 15.88 23.01 12.40
C ALA G 27 15.74 23.02 10.87
N ASP G 28 15.48 24.18 10.29
CA ASP G 28 15.39 24.32 8.82
C ASP G 28 16.74 24.23 8.11
N TYR G 29 17.80 24.77 8.72
CA TYR G 29 19.16 24.63 8.16
C TYR G 29 19.57 23.18 8.04
N VAL G 30 19.24 22.38 9.06
CA VAL G 30 19.57 20.96 9.07
C VAL G 30 18.77 20.29 7.96
N LYS G 31 17.45 20.47 7.97
CA LYS G 31 16.55 19.94 6.94
C LYS G 31 17.02 20.27 5.53
N ASN G 32 17.54 21.47 5.33
CA ASN G 32 18.03 21.89 4.01
C ASN G 32 19.38 21.28 3.65
N MET G 33 20.33 21.22 4.58
CA MET G 33 21.66 20.64 4.27
C MET G 33 21.58 19.16 3.89
N ILE G 34 20.64 18.44 4.51
CA ILE G 34 20.45 17.01 4.25
C ILE G 34 19.58 16.74 3.01
N THR G 35 18.48 17.47 2.86
CA THR G 35 17.57 17.37 1.69
C THR G 35 17.35 18.71 0.99
N GLY G 36 18.42 19.47 0.91
CA GLY G 36 18.41 20.72 0.16
C GLY G 36 17.75 20.60 -1.21
N ALA G 37 16.97 21.63 -1.54
CA ALA G 37 16.55 21.89 -2.92
C ALA G 37 17.75 21.82 -3.87
N ALA G 38 18.81 22.55 -3.52
CA ALA G 38 20.10 22.50 -4.22
C ALA G 38 21.25 22.20 -3.25
N GLN G 39 22.33 21.64 -3.80
CA GLN G 39 23.54 21.32 -3.03
C GLN G 39 24.42 22.56 -2.98
N MET G 40 24.85 22.92 -1.78
CA MET G 40 25.74 24.05 -1.60
C MET G 40 27.11 23.74 -2.19
N ASP G 41 27.58 24.62 -3.07
CA ASP G 41 28.92 24.54 -3.63
C ASP G 41 29.92 25.29 -2.75
N GLY G 42 29.40 25.98 -1.74
CA GLY G 42 30.21 26.64 -0.73
C GLY G 42 29.30 27.33 0.25
N ALA G 43 29.79 27.58 1.46
CA ALA G 43 28.95 28.12 2.53
C ALA G 43 29.59 29.34 3.20
N ILE G 44 28.74 30.18 3.77
CA ILE G 44 29.14 31.37 4.49
C ILE G 44 28.81 31.14 5.96
N LEU G 45 29.81 30.76 6.73
CA LEU G 45 29.71 30.70 8.20
C LEU G 45 29.63 32.13 8.76
N VAL G 46 28.72 32.36 9.70
CA VAL G 46 28.57 33.66 10.35
C VAL G 46 28.76 33.50 11.87
N VAL G 47 29.85 34.09 12.35
CA VAL G 47 30.18 34.12 13.77
C VAL G 47 30.10 35.59 14.21
N ALA G 48 29.45 35.84 15.34
CA ALA G 48 29.46 37.15 15.96
C ALA G 48 30.81 37.32 16.64
N ALA G 49 31.35 38.54 16.59
CA ALA G 49 32.53 38.90 17.39
C ALA G 49 32.14 39.25 18.82
N THR G 50 30.84 39.53 19.03
CA THR G 50 30.27 39.77 20.34
C THR G 50 30.38 38.48 21.18
N ASP G 51 29.92 37.38 20.60
CA ASP G 51 29.79 36.10 21.32
C ASP G 51 30.88 35.08 21.01
N GLY G 52 31.59 35.24 19.90
CA GLY G 52 32.45 34.16 19.38
C GLY G 52 31.61 32.98 18.93
N PRO G 53 32.24 31.80 18.73
CA PRO G 53 31.47 30.62 18.33
C PRO G 53 30.58 30.08 19.46
N MET G 54 29.51 29.39 19.08
CA MET G 54 28.50 28.88 20.00
C MET G 54 28.12 27.45 19.61
N PRO G 55 27.40 26.72 20.49
CA PRO G 55 26.92 25.35 20.22
C PRO G 55 26.52 24.98 18.78
N GLN G 56 25.71 25.83 18.15
CA GLN G 56 25.26 25.57 16.77
C GLN G 56 26.29 25.86 15.69
N THR G 57 27.20 26.80 15.92
CA THR G 57 28.32 27.03 15.00
C THR G 57 29.12 25.73 14.81
N ARG G 58 29.29 24.96 15.89
CA ARG G 58 29.89 23.63 15.81
C ARG G 58 29.04 22.63 15.01
N GLU G 59 27.74 22.59 15.28
CA GLU G 59 26.80 21.69 14.60
C GLU G 59 26.78 21.88 13.09
N HIS G 60 26.66 23.12 12.65
CA HIS G 60 26.65 23.42 11.22
C HIS G 60 27.96 23.05 10.54
N ILE G 61 29.09 23.33 11.20
CA ILE G 61 30.40 23.00 10.64
C ILE G 61 30.56 21.48 10.47
N LEU G 62 30.20 20.72 11.50
CA LEU G 62 30.24 19.24 11.43
C LEU G 62 29.34 18.70 10.33
N LEU G 63 28.10 19.19 10.28
CA LEU G 63 27.16 18.85 9.21
C LEU G 63 27.77 19.09 7.84
N GLY G 64 28.45 20.22 7.69
CA GLY G 64 29.20 20.53 6.49
C GLY G 64 30.05 19.37 6.00
N ARG G 65 30.90 18.85 6.87
CA ARG G 65 31.78 17.76 6.47
C ARG G 65 31.00 16.47 6.19
N GLN G 66 29.98 16.20 7.00
CA GLN G 66 29.14 15.00 6.83
C GLN G 66 28.33 15.02 5.52
N VAL G 67 27.68 16.14 5.27
CA VAL G 67 26.90 16.37 4.05
C VAL G 67 27.80 16.45 2.80
N GLY G 68 28.98 17.04 2.96
CA GLY G 68 29.90 17.26 1.85
C GLY G 68 29.75 18.65 1.25
N VAL G 69 29.77 19.66 2.12
CA VAL G 69 29.88 21.06 1.70
C VAL G 69 31.38 21.25 1.48
N PRO G 70 31.80 21.58 0.24
CA PRO G 70 33.23 21.55 -0.09
C PRO G 70 34.11 22.67 0.52
N TYR G 71 33.63 23.91 0.49
CA TYR G 71 34.40 25.05 1.00
C TYR G 71 33.56 25.93 1.91
N ILE G 72 34.20 26.54 2.90
CA ILE G 72 33.54 27.43 3.86
C ILE G 72 34.33 28.72 4.03
N ILE G 73 33.61 29.84 3.94
CA ILE G 73 34.14 31.20 4.17
C ILE G 73 33.49 31.76 5.42
N VAL G 74 34.26 32.52 6.20
CA VAL G 74 33.77 33.10 7.45
C VAL G 74 33.49 34.59 7.27
N PHE G 75 32.36 35.05 7.80
CA PHE G 75 32.06 36.46 7.91
C PHE G 75 31.91 36.76 9.39
N LEU G 76 33.03 37.10 10.02
CA LEU G 76 33.02 37.55 11.42
C LEU G 76 32.24 38.86 11.50
N ASN G 77 31.08 38.81 12.17
CA ASN G 77 30.07 39.87 12.10
C ASN G 77 29.94 40.64 13.42
N LYS G 78 29.15 41.71 13.40
CA LYS G 78 28.89 42.56 14.56
C LYS G 78 30.19 43.19 15.07
N CYS G 79 31.07 43.56 14.13
CA CYS G 79 32.36 44.16 14.46
C CYS G 79 32.24 45.62 14.87
N ASP G 80 31.17 46.28 14.43
CA ASP G 80 30.81 47.63 14.92
C ASP G 80 30.59 47.68 16.46
N MET G 81 30.23 46.55 17.07
CA MET G 81 30.07 46.46 18.53
C MET G 81 31.39 46.32 19.32
N VAL G 82 32.42 45.74 18.71
CA VAL G 82 33.72 45.49 19.39
C VAL G 82 34.78 46.45 18.87
N ASP G 83 35.44 47.15 19.78
CA ASP G 83 36.43 48.17 19.43
C ASP G 83 37.82 47.53 19.18
N ASP G 84 38.25 46.67 20.11
CA ASP G 84 39.62 46.13 20.15
C ASP G 84 40.01 45.13 19.04
N GLU G 85 41.15 45.38 18.39
CA GLU G 85 41.72 44.44 17.40
C GLU G 85 42.15 43.12 18.03
N GLU G 86 42.86 43.21 19.15
CA GLU G 86 43.41 42.03 19.83
C GLU G 86 42.33 40.99 20.16
N LEU G 87 41.17 41.47 20.59
CA LEU G 87 40.05 40.61 20.94
C LEU G 87 39.55 39.86 19.71
N LEU G 88 39.50 40.54 18.57
CA LEU G 88 39.07 39.93 17.31
C LEU G 88 40.04 38.86 16.84
N GLU G 89 41.34 39.19 16.83
CA GLU G 89 42.41 38.24 16.50
C GLU G 89 42.27 36.93 17.29
N LEU G 90 41.88 37.06 18.56
CA LEU G 90 41.62 35.91 19.42
C LEU G 90 40.42 35.06 18.94
N VAL G 91 39.30 35.71 18.61
CA VAL G 91 38.10 35.00 18.10
C VAL G 91 38.40 34.27 16.79
N GLU G 92 39.04 34.97 15.85
CA GLU G 92 39.49 34.35 14.59
C GLU G 92 40.35 33.10 14.84
N MET G 93 41.21 33.14 15.85
CA MET G 93 42.03 31.99 16.22
C MET G 93 41.17 30.79 16.66
N GLU G 94 40.11 31.07 17.42
CA GLU G 94 39.17 30.01 17.85
C GLU G 94 38.39 29.43 16.67
N VAL G 95 37.92 30.29 15.77
CA VAL G 95 37.08 29.87 14.63
C VAL G 95 37.88 28.97 13.67
N ARG G 96 39.16 29.30 13.45
CA ARG G 96 40.07 28.47 12.65
C ARG G 96 40.38 27.14 13.32
N GLU G 97 40.53 27.16 14.64
CA GLU G 97 40.70 25.93 15.44
C GLU G 97 39.50 25.00 15.22
N LEU G 98 38.29 25.58 15.31
CA LEU G 98 37.05 24.84 15.14
C LEU G 98 36.98 24.19 13.75
N LEU G 99 37.09 25.00 12.70
CA LEU G 99 37.08 24.50 11.31
C LEU G 99 38.13 23.41 11.04
N SER G 100 39.31 23.55 11.63
CA SER G 100 40.39 22.58 11.47
C SER G 100 40.06 21.20 12.04
N GLN G 101 39.24 21.16 13.10
CA GLN G 101 38.79 19.88 13.69
C GLN G 101 37.96 19.04 12.73
N TYR G 102 37.12 19.69 11.92
CA TYR G 102 36.26 19.01 10.95
C TYR G 102 36.83 19.09 9.52
N ASP G 103 38.17 19.05 9.43
CA ASP G 103 38.91 18.86 8.17
C ASP G 103 38.71 19.97 7.13
N PHE G 104 38.34 21.16 7.57
CA PHE G 104 38.35 22.34 6.70
C PHE G 104 39.65 23.06 6.97
N PRO G 105 40.39 23.44 5.91
CA PRO G 105 41.68 24.08 6.12
C PRO G 105 41.51 25.47 6.76
N GLY G 106 41.56 25.50 8.08
CA GLY G 106 41.25 26.67 8.89
C GLY G 106 42.26 27.79 8.75
N ASP G 107 43.53 27.41 8.65
CA ASP G 107 44.62 28.40 8.56
C ASP G 107 44.48 29.36 7.37
N ASP G 108 44.17 28.81 6.20
CA ASP G 108 43.95 29.60 4.97
C ASP G 108 42.47 29.63 4.55
N THR G 109 41.57 29.55 5.54
CA THR G 109 40.15 29.91 5.36
C THR G 109 40.05 31.45 5.36
N PRO G 110 39.34 32.03 4.36
CA PRO G 110 39.12 33.49 4.37
C PRO G 110 38.22 33.94 5.52
N ILE G 111 38.55 35.07 6.14
CA ILE G 111 37.77 35.61 7.26
C ILE G 111 37.59 37.12 7.09
N VAL G 112 36.37 37.55 6.79
CA VAL G 112 36.06 38.97 6.60
C VAL G 112 35.48 39.56 7.89
N ARG G 113 36.17 40.55 8.47
CA ARG G 113 35.66 41.32 9.61
C ARG G 113 34.71 42.39 9.08
N GLY G 114 33.42 42.27 9.38
CA GLY G 114 32.42 43.21 8.86
C GLY G 114 31.27 43.47 9.80
N SER G 115 30.36 44.33 9.35
CA SER G 115 29.05 44.51 9.98
C SER G 115 28.01 44.37 8.88
N ALA G 116 27.15 43.37 9.02
CA ALA G 116 26.09 43.15 8.05
C ALA G 116 25.00 44.21 8.17
N LEU G 117 24.72 44.65 9.40
CA LEU G 117 23.65 45.64 9.64
C LEU G 117 24.02 47.01 9.09
N LYS G 118 25.19 47.50 9.49
CA LYS G 118 25.70 48.78 8.98
C LYS G 118 25.77 48.77 7.45
N ALA G 119 26.18 47.64 6.88
CA ALA G 119 26.22 47.48 5.43
C ALA G 119 24.83 47.56 4.77
N LEU G 120 23.85 46.91 5.39
CA LEU G 120 22.46 46.93 4.88
C LEU G 120 21.79 48.30 5.05
N GLU G 121 22.17 49.03 6.09
CA GLU G 121 21.70 50.41 6.33
C GLU G 121 22.29 51.42 5.33
N GLY G 122 23.40 51.07 4.68
CA GLY G 122 24.03 51.89 3.64
C GLY G 122 25.20 52.72 4.14
N ASP G 123 26.10 52.08 4.90
CA ASP G 123 27.27 52.73 5.50
C ASP G 123 28.55 52.31 4.77
N ALA G 124 29.06 53.22 3.94
CA ALA G 124 30.12 52.93 2.96
C ALA G 124 31.33 52.16 3.51
N GLU G 125 31.73 52.45 4.75
CA GLU G 125 32.90 51.80 5.38
C GLU G 125 32.71 50.29 5.52
N TRP G 126 31.51 49.89 5.91
CA TRP G 126 31.18 48.49 6.11
C TRP G 126 30.66 47.78 4.85
N GLU G 127 30.21 48.56 3.86
CA GLU G 127 29.82 48.00 2.56
C GLU G 127 31.01 47.42 1.82
N ALA G 128 32.17 48.10 1.91
CA ALA G 128 33.43 47.55 1.40
C ALA G 128 33.69 46.11 1.87
N LYS G 129 33.36 45.84 3.14
CA LYS G 129 33.55 44.51 3.72
C LYS G 129 32.67 43.46 3.05
N ILE G 130 31.48 43.84 2.63
CA ILE G 130 30.60 42.95 1.86
C ILE G 130 31.24 42.66 0.50
N LEU G 131 31.73 43.70 -0.16
CA LEU G 131 32.40 43.56 -1.46
C LEU G 131 33.66 42.70 -1.36
N GLU G 132 34.37 42.81 -0.23
CA GLU G 132 35.51 41.94 0.11
C GLU G 132 35.09 40.47 0.16
N LEU G 133 33.98 40.21 0.86
CA LEU G 133 33.41 38.87 0.98
C LEU G 133 33.13 38.28 -0.41
N ALA G 134 32.37 39.01 -1.22
CA ALA G 134 32.02 38.56 -2.59
C ALA G 134 33.24 38.43 -3.51
N GLY G 135 34.35 39.07 -3.15
CA GLY G 135 35.65 38.77 -3.72
C GLY G 135 36.08 37.36 -3.38
N PHE G 136 36.03 37.02 -2.09
CA PHE G 136 36.35 35.65 -1.66
C PHE G 136 35.36 34.61 -2.20
N LEU G 137 34.10 35.00 -2.40
CA LEU G 137 33.14 34.10 -3.07
C LEU G 137 33.64 33.80 -4.49
N ASP G 138 34.08 34.84 -5.21
CA ASP G 138 34.59 34.70 -6.59
C ASP G 138 35.88 33.87 -6.66
N SER G 139 36.77 34.05 -5.68
CA SER G 139 38.11 33.44 -5.70
C SER G 139 38.24 32.11 -4.97
N TYR G 140 37.67 31.99 -3.77
CA TYR G 140 37.86 30.79 -2.94
C TYR G 140 36.95 29.60 -3.30
N ILE G 141 35.78 29.87 -3.86
CA ILE G 141 34.84 28.81 -4.23
C ILE G 141 34.94 28.58 -5.73
N PRO G 142 35.43 27.39 -6.14
CA PRO G 142 35.43 27.09 -7.58
C PRO G 142 34.03 26.73 -8.09
N GLU G 143 33.82 26.83 -9.40
CA GLU G 143 32.60 26.34 -10.02
C GLU G 143 32.54 24.84 -9.81
N PRO G 144 31.37 24.31 -9.43
CA PRO G 144 31.27 22.86 -9.24
C PRO G 144 31.35 22.12 -10.58
N GLU G 145 31.66 20.83 -10.53
CA GLU G 145 31.74 20.04 -11.75
C GLU G 145 30.33 19.77 -12.25
N ARG G 146 30.08 20.07 -13.53
CA ARG G 146 28.74 19.95 -14.09
C ARG G 146 28.43 18.49 -14.34
N ALA G 147 27.14 18.15 -14.32
CA ALA G 147 26.69 16.76 -14.40
C ALA G 147 27.31 16.08 -15.59
N ILE G 148 27.03 16.62 -16.77
CA ILE G 148 27.47 16.05 -18.05
C ILE G 148 28.99 15.78 -18.15
N ASP G 149 29.79 16.46 -17.35
CA ASP G 149 31.25 16.24 -17.32
C ASP G 149 31.70 14.97 -16.59
N LYS G 150 30.87 14.43 -15.69
CA LYS G 150 31.28 13.26 -14.88
C LYS G 150 31.25 11.90 -15.60
N PRO G 151 31.64 10.82 -14.88
CA PRO G 151 31.43 9.45 -15.33
C PRO G 151 29.97 9.05 -15.47
N PHE G 152 29.66 8.37 -16.57
CA PHE G 152 28.30 8.00 -16.94
C PHE G 152 27.55 7.20 -15.86
N LEU G 153 26.28 7.56 -15.60
CA LEU G 153 25.44 6.86 -14.62
C LEU G 153 23.95 7.00 -14.97
N LEU G 154 23.29 5.85 -15.07
CA LEU G 154 21.86 5.74 -15.40
C LEU G 154 21.19 4.81 -14.39
N PRO G 155 20.30 5.37 -13.56
CA PRO G 155 19.51 4.46 -12.69
C PRO G 155 18.45 3.77 -13.53
N ILE G 156 18.32 2.45 -13.40
CA ILE G 156 17.36 1.70 -14.24
C ILE G 156 15.93 1.75 -13.68
N GLU G 157 15.01 2.25 -14.51
CA GLU G 157 13.58 2.30 -14.19
C GLU G 157 12.82 1.14 -14.76
N ASP G 158 12.98 0.90 -16.06
CA ASP G 158 12.17 -0.09 -16.72
C ASP G 158 13.05 -0.90 -17.61
N VAL G 159 12.58 -2.10 -17.95
CA VAL G 159 13.32 -3.03 -18.78
C VAL G 159 12.34 -3.65 -19.77
N PHE G 160 12.76 -3.74 -21.03
CA PHE G 160 11.91 -4.14 -22.13
C PHE G 160 12.77 -5.12 -22.93
N SER G 161 12.30 -6.34 -23.10
CA SER G 161 13.11 -7.33 -23.76
C SER G 161 12.77 -7.49 -25.23
N ILE G 162 13.80 -7.55 -26.09
CA ILE G 162 13.61 -7.69 -27.54
C ILE G 162 14.25 -9.01 -27.86
N SER G 163 13.51 -9.89 -28.52
CA SER G 163 13.99 -11.24 -28.77
C SER G 163 15.12 -11.29 -29.82
N GLY G 164 16.20 -11.98 -29.47
CA GLY G 164 17.34 -12.18 -30.36
C GLY G 164 18.35 -11.04 -30.43
N ARG G 165 18.10 -9.94 -29.75
CA ARG G 165 18.99 -8.77 -29.82
C ARG G 165 19.49 -8.33 -28.44
N GLY G 166 18.66 -8.47 -27.42
CA GLY G 166 19.03 -8.07 -26.06
C GLY G 166 17.88 -7.48 -25.29
N THR G 167 18.19 -6.57 -24.40
CA THR G 167 17.23 -5.93 -23.49
C THR G 167 17.44 -4.45 -23.59
N VAL G 168 16.38 -3.68 -23.61
CA VAL G 168 16.44 -2.22 -23.55
C VAL G 168 16.14 -1.77 -22.14
N VAL G 169 17.05 -1.01 -21.53
CA VAL G 169 16.79 -0.46 -20.19
C VAL G 169 16.60 1.02 -20.31
N THR G 170 15.64 1.56 -19.57
CA THR G 170 15.36 2.98 -19.58
C THR G 170 15.51 3.59 -18.25
N GLY G 171 15.72 4.90 -18.32
CA GLY G 171 15.89 5.73 -17.16
C GLY G 171 16.39 7.10 -17.54
N ARG G 172 16.50 7.95 -16.56
CA ARG G 172 16.92 9.32 -16.77
C ARG G 172 18.40 9.37 -16.41
N VAL G 173 19.25 9.78 -17.36
CA VAL G 173 20.68 9.85 -17.10
C VAL G 173 21.00 10.87 -16.00
N GLU G 174 21.82 10.43 -15.04
CA GLU G 174 22.17 11.21 -13.85
C GLU G 174 23.38 12.10 -14.13
N ARG G 175 24.37 11.57 -14.82
CA ARG G 175 25.55 12.31 -15.23
C ARG G 175 26.21 11.63 -16.40
N GLY G 176 27.04 12.37 -17.10
CA GLY G 176 27.89 11.77 -18.15
C GLY G 176 27.13 11.48 -19.45
N ILE G 177 27.78 10.74 -20.31
CA ILE G 177 27.33 10.51 -21.69
C ILE G 177 27.54 9.05 -22.06
N ILE G 178 26.60 8.50 -22.81
CA ILE G 178 26.67 7.12 -23.21
C ILE G 178 26.58 7.15 -24.71
N LYS G 179 27.48 6.43 -25.35
CA LYS G 179 27.49 6.32 -26.78
C LYS G 179 27.45 4.86 -27.14
N VAL G 180 26.95 4.61 -28.35
CA VAL G 180 26.83 3.28 -28.79
C VAL G 180 28.25 2.70 -28.85
N GLY G 181 28.36 1.46 -28.41
CA GLY G 181 29.59 0.71 -28.51
C GLY G 181 30.38 0.73 -27.22
N GLU G 182 30.07 1.64 -26.31
CA GLU G 182 30.79 1.69 -25.05
C GLU G 182 30.41 0.53 -24.16
N GLU G 183 31.36 0.11 -23.36
CA GLU G 183 31.11 -0.90 -22.35
C GLU G 183 30.45 -0.25 -21.14
N VAL G 184 29.58 -0.99 -20.48
CA VAL G 184 28.91 -0.51 -19.26
C VAL G 184 28.84 -1.63 -18.23
N GLU G 185 28.85 -1.24 -16.96
CA GLU G 185 28.60 -2.16 -15.88
C GLU G 185 27.20 -1.94 -15.36
N ILE G 186 26.63 -3.03 -14.82
CA ILE G 186 25.34 -3.05 -14.18
C ILE G 186 25.62 -3.35 -12.74
N VAL G 187 25.35 -2.37 -11.87
CA VAL G 187 25.82 -2.40 -10.52
C VAL G 187 24.66 -2.32 -9.52
N GLY G 188 24.74 -3.21 -8.55
CA GLY G 188 23.84 -3.19 -7.43
C GLY G 188 22.98 -4.41 -7.42
N ILE G 189 22.52 -4.73 -6.21
CA ILE G 189 21.65 -5.88 -5.95
C ILE G 189 22.29 -7.23 -6.30
N LYS G 190 22.62 -7.41 -7.57
CA LYS G 190 23.25 -8.66 -8.03
C LYS G 190 24.75 -8.43 -8.18
N GLU G 191 25.45 -9.51 -8.43
CA GLU G 191 26.84 -9.41 -8.77
C GLU G 191 26.98 -8.55 -10.01
N THR G 192 27.99 -7.69 -10.02
CA THR G 192 28.18 -6.80 -11.11
C THR G 192 28.33 -7.59 -12.40
N GLN G 193 27.89 -6.99 -13.50
CA GLN G 193 28.02 -7.56 -14.84
C GLN G 193 28.44 -6.43 -15.76
N LYS G 194 29.08 -6.82 -16.87
CA LYS G 194 29.47 -5.91 -17.92
C LYS G 194 28.68 -6.26 -19.18
N SER G 195 28.54 -5.29 -20.05
CA SER G 195 27.91 -5.48 -21.34
C SER G 195 28.25 -4.29 -22.24
N THR G 196 27.91 -4.41 -23.51
CA THR G 196 28.13 -3.33 -24.49
C THR G 196 26.74 -2.78 -24.95
N CYS G 197 26.58 -1.45 -24.97
CA CYS G 197 25.50 -0.78 -25.65
C CYS G 197 25.55 -1.10 -27.12
N THR G 198 24.51 -1.71 -27.68
CA THR G 198 24.44 -1.80 -29.13
C THR G 198 23.39 -0.84 -29.71
N GLY G 199 22.81 0.03 -28.88
CA GLY G 199 21.84 1.02 -29.35
C GLY G 199 21.49 1.93 -28.19
N VAL G 200 21.29 3.21 -28.51
CA VAL G 200 20.85 4.19 -27.56
C VAL G 200 19.81 5.05 -28.25
N GLU G 201 18.84 5.52 -27.48
CA GLU G 201 17.96 6.59 -27.94
C GLU G 201 17.66 7.55 -26.79
N MET G 202 17.88 8.83 -27.02
CA MET G 202 17.53 9.86 -26.06
C MET G 202 16.23 10.47 -26.57
N PHE G 203 15.18 10.33 -25.76
CA PHE G 203 13.81 10.71 -26.05
C PHE G 203 13.71 12.06 -26.74
N ARG G 204 13.21 12.05 -27.99
CA ARG G 204 12.95 13.24 -28.84
C ARG G 204 14.23 13.94 -29.34
N LYS G 205 15.43 13.48 -28.98
CA LYS G 205 16.64 14.28 -29.26
C LYS G 205 17.71 13.55 -30.08
N LEU G 206 18.13 12.35 -29.65
CA LEU G 206 19.32 11.69 -30.21
C LEU G 206 19.22 10.16 -30.39
N LEU G 207 19.84 9.72 -31.47
CA LEU G 207 20.05 8.32 -31.74
C LEU G 207 21.54 7.95 -31.59
N ASP G 208 21.79 6.95 -30.75
CA ASP G 208 23.08 6.36 -30.48
C ASP G 208 23.95 7.14 -29.55
N GLU G 209 23.33 8.08 -28.87
CA GLU G 209 23.97 8.80 -27.85
C GLU G 209 22.95 9.30 -26.88
N GLY G 210 23.32 9.42 -25.61
CA GLY G 210 22.46 9.95 -24.60
C GLY G 210 23.17 10.79 -23.57
N ARG G 211 22.54 11.90 -23.13
CA ARG G 211 23.21 12.95 -22.36
C ARG G 211 22.43 13.20 -21.10
N ALA G 212 23.07 13.56 -19.98
CA ALA G 212 22.45 13.75 -18.69
C ALA G 212 21.26 14.69 -18.77
N GLY G 213 20.10 14.40 -18.11
CA GLY G 213 18.89 15.05 -18.54
C GLY G 213 17.75 14.10 -18.96
N GLU G 214 17.37 14.12 -20.21
CA GLU G 214 16.10 13.47 -20.63
C GLU G 214 16.28 11.93 -20.69
N ASN G 215 15.15 11.23 -20.84
CA ASN G 215 15.16 9.82 -20.71
C ASN G 215 15.92 9.15 -21.84
N VAL G 216 16.50 8.03 -21.50
CA VAL G 216 17.35 7.32 -22.41
C VAL G 216 16.90 5.90 -22.38
N GLY G 217 16.86 5.26 -23.54
CA GLY G 217 16.78 3.79 -23.67
C GLY G 217 18.10 3.25 -24.16
N VAL G 218 18.59 2.19 -23.53
CA VAL G 218 19.88 1.62 -23.85
C VAL G 218 19.71 0.13 -24.13
N LEU G 219 20.13 -0.30 -25.31
CA LEU G 219 19.99 -1.68 -25.72
C LEU G 219 21.29 -2.37 -25.34
N LEU G 220 21.22 -3.39 -24.48
CA LEU G 220 22.41 -4.15 -24.09
C LEU G 220 22.39 -5.53 -24.73
N ARG G 221 23.39 -5.80 -25.52
CA ARG G 221 23.49 -7.06 -26.20
C ARG G 221 23.78 -8.18 -25.22
N GLY G 222 23.03 -9.28 -25.35
CA GLY G 222 23.31 -10.47 -24.60
C GLY G 222 22.76 -10.46 -23.17
N ILE G 223 22.09 -9.39 -22.77
CA ILE G 223 21.54 -9.34 -21.42
C ILE G 223 20.10 -9.71 -21.58
N LYS G 224 19.72 -10.72 -20.81
CA LYS G 224 18.36 -11.23 -20.82
C LYS G 224 17.60 -10.57 -19.70
N ARG G 225 16.28 -10.54 -19.83
CA ARG G 225 15.39 -9.78 -18.93
C ARG G 225 15.57 -10.07 -17.45
N GLU G 226 15.67 -11.33 -17.10
CA GLU G 226 15.83 -11.72 -15.73
C GLU G 226 17.21 -11.40 -15.13
N GLU G 227 18.16 -10.89 -15.90
CA GLU G 227 19.51 -10.64 -15.42
C GLU G 227 19.68 -9.20 -15.03
N ILE G 228 18.66 -8.37 -15.25
CA ILE G 228 18.72 -7.00 -14.86
C ILE G 228 17.40 -6.59 -14.19
N GLU G 229 17.46 -5.63 -13.25
CA GLU G 229 16.25 -5.16 -12.58
C GLU G 229 16.30 -3.66 -12.21
N ARG G 230 15.10 -3.15 -12.05
CA ARG G 230 14.90 -1.80 -11.61
C ARG G 230 15.67 -1.57 -10.34
N GLY G 231 16.33 -0.40 -10.21
CA GLY G 231 17.08 -0.19 -8.99
C GLY G 231 18.54 -0.42 -9.17
N GLN G 232 18.92 -1.25 -10.15
CA GLN G 232 20.33 -1.27 -10.52
C GLN G 232 20.69 0.05 -11.25
N VAL G 233 22.00 0.27 -11.46
CA VAL G 233 22.46 1.36 -12.27
C VAL G 233 23.34 0.86 -13.42
N LEU G 234 23.31 1.56 -14.56
CA LEU G 234 24.34 1.41 -15.59
C LEU G 234 25.40 2.46 -15.34
N ALA G 235 26.65 2.05 -15.46
CA ALA G 235 27.73 2.94 -15.19
C ALA G 235 28.94 2.62 -16.04
N LYS G 236 29.73 3.67 -16.30
CA LYS G 236 31.05 3.49 -16.95
C LYS G 236 31.83 2.55 -16.07
N PRO G 237 32.43 1.51 -16.64
CA PRO G 237 33.08 0.53 -15.80
C PRO G 237 34.08 1.06 -14.78
N GLY G 238 34.02 0.55 -13.56
CA GLY G 238 34.94 0.94 -12.53
C GLY G 238 34.76 2.30 -11.89
N THR G 239 33.63 2.95 -12.09
CA THR G 239 33.39 4.26 -11.50
C THR G 239 32.40 4.29 -10.34
N ILE G 240 31.66 3.21 -10.12
CA ILE G 240 30.75 3.12 -9.00
C ILE G 240 30.73 1.67 -8.51
N LYS G 241 30.61 1.48 -7.20
CA LYS G 241 30.62 0.16 -6.63
C LYS G 241 29.42 -0.10 -5.75
N PRO G 242 29.06 -1.38 -5.60
CA PRO G 242 27.99 -1.71 -4.72
C PRO G 242 28.44 -1.81 -3.28
N HIS G 243 27.62 -1.32 -2.35
CA HIS G 243 27.92 -1.39 -0.94
C HIS G 243 26.63 -1.69 -0.16
N THR G 244 26.81 -2.25 1.03
CA THR G 244 25.73 -2.56 1.95
C THR G 244 25.83 -1.69 3.23
N LYS G 245 27.03 -1.23 3.59
CA LYS G 245 27.21 -0.55 4.88
C LYS G 245 27.70 0.88 4.72
N PHE G 246 27.07 1.81 5.41
CA PHE G 246 27.48 3.21 5.29
C PHE G 246 27.04 4.07 6.47
N GLU G 247 27.80 5.13 6.73
CA GLU G 247 27.47 6.11 7.74
C GLU G 247 26.59 7.12 7.03
N SER G 248 25.57 7.56 7.74
CA SER G 248 24.65 8.55 7.24
C SER G 248 24.40 9.69 8.21
N GLU G 249 23.98 10.81 7.63
CA GLU G 249 23.34 11.90 8.36
C GLU G 249 21.88 11.85 7.96
N VAL G 250 21.01 11.76 8.96
CA VAL G 250 19.58 11.56 8.70
C VAL G 250 18.69 12.52 9.50
N TYR G 251 17.62 12.99 8.87
CA TYR G 251 16.60 13.75 9.49
C TYR G 251 15.33 12.88 9.52
N ILE G 252 14.76 12.73 10.71
CA ILE G 252 13.56 11.94 10.92
C ILE G 252 12.38 12.89 10.88
N LEU G 253 11.39 12.59 10.04
CA LEU G 253 10.23 13.51 9.94
C LEU G 253 9.46 13.59 11.24
N SER G 254 8.95 14.77 11.53
CA SER G 254 7.97 14.93 12.60
C SER G 254 6.63 14.33 12.17
N LYS G 255 5.80 14.08 13.18
CA LYS G 255 4.43 13.60 12.99
C LYS G 255 3.62 14.57 12.11
N ASP G 256 3.77 15.86 12.39
CA ASP G 256 3.07 16.90 11.65
C ASP G 256 3.52 16.96 10.20
N GLU G 257 4.74 16.47 9.93
CA GLU G 257 5.27 16.36 8.55
C GLU G 257 4.85 15.06 7.86
N GLY G 258 4.06 14.21 8.54
CA GLY G 258 3.53 12.98 7.92
C GLY G 258 4.33 11.75 8.33
N GLY G 259 5.27 11.94 9.25
CA GLY G 259 6.17 10.90 9.70
C GLY G 259 5.65 10.10 10.88
N ARG G 260 6.57 9.49 11.58
CA ARG G 260 6.29 8.78 12.81
C ARG G 260 5.65 9.62 13.93
N HIS G 261 4.89 8.93 14.80
CA HIS G 261 4.25 9.48 16.03
C HIS G 261 5.14 9.21 17.22
N THR G 262 5.71 8.00 17.24
CA THR G 262 6.58 7.57 18.31
C THR G 262 8.04 7.46 17.84
N PRO G 263 8.99 7.55 18.79
CA PRO G 263 10.42 7.33 18.51
C PRO G 263 10.72 5.92 18.16
N PHE G 264 11.88 5.71 17.57
CA PHE G 264 12.27 4.36 17.23
C PHE G 264 13.51 4.07 18.00
N PHE G 265 13.85 2.80 18.03
CA PHE G 265 14.95 2.29 18.83
C PHE G 265 15.90 1.49 17.94
N LYS G 266 16.92 0.91 18.57
CA LYS G 266 18.02 0.34 17.83
C LYS G 266 17.65 -0.85 16.93
N GLY G 267 16.48 -1.47 17.10
CA GLY G 267 16.07 -2.62 16.27
C GLY G 267 15.15 -2.25 15.13
N TYR G 268 15.20 -0.97 14.72
CA TYR G 268 14.38 -0.44 13.64
C TYR G 268 14.90 -1.00 12.31
N ARG G 269 13.97 -1.56 11.53
CA ARG G 269 14.28 -2.16 10.24
C ARG G 269 13.45 -1.49 9.14
N PRO G 270 13.77 -0.23 8.82
CA PRO G 270 13.00 0.42 7.79
C PRO G 270 13.51 0.13 6.39
N GLN G 271 12.82 0.67 5.43
CA GLN G 271 13.23 0.62 4.03
C GLN G 271 14.00 1.88 3.66
N PHE G 272 15.04 1.73 2.87
CA PHE G 272 15.87 2.82 2.41
C PHE G 272 15.77 2.92 0.90
N TYR G 273 15.28 4.04 0.43
CA TYR G 273 15.04 4.24 -0.97
C TYR G 273 16.17 4.95 -1.69
N PHE G 274 16.86 4.31 -2.61
CA PHE G 274 17.98 4.91 -3.34
C PHE G 274 17.63 4.96 -4.82
N ARG G 275 17.42 6.17 -5.29
CA ARG G 275 17.23 6.48 -6.70
C ARG G 275 15.92 5.90 -7.20
N THR G 276 15.84 4.59 -7.41
CA THR G 276 14.65 4.01 -8.01
C THR G 276 14.04 2.84 -7.23
N THR G 277 14.62 2.48 -6.09
CA THR G 277 14.11 1.34 -5.32
C THR G 277 14.43 1.33 -3.85
N ASP G 278 13.59 0.68 -3.05
CA ASP G 278 13.79 0.69 -1.59
C ASP G 278 14.30 -0.72 -1.18
N VAL G 279 15.22 -0.74 -0.23
CA VAL G 279 15.85 -1.90 0.28
C VAL G 279 15.87 -1.87 1.82
N THR G 280 15.53 -3.00 2.44
CA THR G 280 15.50 -3.08 3.90
C THR G 280 16.92 -2.95 4.45
N GLY G 281 17.06 -2.30 5.59
CA GLY G 281 18.35 -2.22 6.29
C GLY G 281 18.20 -2.13 7.82
N THR G 282 19.25 -2.49 8.55
CA THR G 282 19.31 -2.31 10.01
C THR G 282 20.22 -1.13 10.34
N ILE G 283 20.19 -0.68 11.59
CA ILE G 283 20.82 0.58 11.96
C ILE G 283 21.65 0.43 13.23
N GLU G 284 22.66 1.29 13.38
CA GLU G 284 23.43 1.41 14.64
C GLU G 284 23.38 2.85 15.09
N LEU G 285 22.64 3.11 16.16
CA LEU G 285 22.58 4.45 16.75
C LEU G 285 23.93 4.79 17.38
N PRO G 286 24.26 6.08 17.47
CA PRO G 286 25.54 6.48 18.10
C PRO G 286 25.58 6.29 19.63
N GLU G 287 26.78 6.43 20.20
CA GLU G 287 27.03 6.15 21.63
C GLU G 287 26.12 6.98 22.53
N GLY G 288 25.44 6.31 23.46
CA GLY G 288 24.55 6.96 24.43
C GLY G 288 23.11 7.16 23.98
N VAL G 289 22.91 7.34 22.67
CA VAL G 289 21.60 7.60 22.08
C VAL G 289 20.80 6.29 22.01
N GLU G 290 19.74 6.20 22.81
CA GLU G 290 18.90 5.01 22.89
C GLU G 290 17.70 5.09 21.94
N MET G 291 17.27 6.30 21.63
CA MET G 291 16.14 6.45 20.74
C MET G 291 16.20 7.75 19.92
N VAL G 292 15.44 7.76 18.84
CA VAL G 292 15.39 8.87 17.95
C VAL G 292 13.96 9.31 17.92
N MET G 293 13.76 10.58 18.26
CA MET G 293 12.42 11.17 18.29
C MET G 293 12.05 11.66 16.90
N PRO G 294 10.76 11.50 16.52
CA PRO G 294 10.29 12.20 15.35
C PRO G 294 10.75 13.64 15.42
N GLY G 295 11.34 14.14 14.34
CA GLY G 295 11.81 15.53 14.31
C GLY G 295 13.29 15.75 14.56
N ASP G 296 13.99 14.72 15.03
CA ASP G 296 15.45 14.76 15.22
C ASP G 296 16.30 14.53 13.95
N ASN G 297 17.51 15.12 13.97
CA ASN G 297 18.58 14.75 13.10
C ASN G 297 19.37 13.76 13.94
N ILE G 298 20.07 12.84 13.28
CA ILE G 298 20.92 11.87 13.90
C ILE G 298 21.89 11.28 12.87
N LYS G 299 23.03 10.88 13.37
CA LYS G 299 24.05 10.19 12.57
C LYS G 299 23.87 8.73 12.86
N MET G 300 23.67 7.94 11.84
CA MET G 300 23.47 6.47 12.02
C MET G 300 24.26 5.62 11.03
N VAL G 301 24.68 4.43 11.45
CA VAL G 301 25.30 3.48 10.56
C VAL G 301 24.25 2.52 10.01
N VAL G 302 24.16 2.39 8.69
CA VAL G 302 23.15 1.54 8.08
C VAL G 302 23.79 0.33 7.42
N THR G 303 23.18 -0.84 7.57
CA THR G 303 23.58 -2.08 6.88
C THR G 303 22.38 -2.59 6.06
N LEU G 304 22.47 -2.47 4.73
CA LEU G 304 21.42 -2.93 3.83
C LEU G 304 21.46 -4.45 3.65
N ILE G 305 20.32 -5.07 3.35
CA ILE G 305 20.30 -6.52 3.09
C ILE G 305 20.66 -6.86 1.66
N HIS G 306 20.75 -5.84 0.80
CA HIS G 306 21.13 -6.03 -0.60
C HIS G 306 22.00 -4.87 -0.95
N PRO G 307 23.09 -5.11 -1.71
CA PRO G 307 23.96 -4.00 -2.08
C PRO G 307 23.34 -3.01 -3.04
N ILE G 308 23.76 -1.77 -2.93
CA ILE G 308 23.29 -0.69 -3.76
C ILE G 308 24.48 0.09 -4.30
N ALA G 309 24.49 0.39 -5.59
CA ALA G 309 25.50 1.31 -6.11
C ALA G 309 25.47 2.61 -5.34
N MET G 310 26.57 2.99 -4.72
CA MET G 310 26.59 4.27 -3.99
C MET G 310 27.97 4.86 -3.81
N ASP G 311 27.97 6.17 -3.63
CA ASP G 311 29.15 7.00 -3.40
C ASP G 311 28.78 7.97 -2.31
N ASP G 312 29.77 8.61 -1.69
CA ASP G 312 29.51 9.61 -0.65
C ASP G 312 28.67 10.75 -1.26
N GLY G 313 27.76 11.35 -0.51
CA GLY G 313 26.85 12.39 -1.07
C GLY G 313 25.51 11.87 -1.61
N LEU G 314 25.38 10.58 -1.84
CA LEU G 314 24.12 10.03 -2.33
C LEU G 314 22.94 10.21 -1.35
N ARG G 315 21.88 10.84 -1.81
CA ARG G 315 20.73 11.05 -0.95
C ARG G 315 19.81 9.86 -0.97
N PHE G 316 19.12 9.68 0.15
CA PHE G 316 18.11 8.63 0.23
C PHE G 316 16.92 9.00 1.12
N ALA G 317 15.82 8.30 0.92
CA ALA G 317 14.65 8.45 1.75
C ALA G 317 14.48 7.22 2.62
N ILE G 318 13.84 7.40 3.78
CA ILE G 318 13.59 6.31 4.73
C ILE G 318 12.09 6.15 4.73
N ARG G 319 11.65 4.91 4.56
CA ARG G 319 10.26 4.60 4.40
C ARG G 319 9.77 3.44 5.25
N GLU G 320 8.50 3.51 5.63
CA GLU G 320 7.83 2.53 6.46
C GLU G 320 6.44 2.44 5.89
N GLY G 321 6.07 1.23 5.49
CA GLY G 321 4.77 0.93 4.90
C GLY G 321 4.37 1.71 3.67
N GLY G 322 5.34 2.30 2.97
CA GLY G 322 5.06 3.18 1.84
C GLY G 322 5.13 4.65 2.16
N ARG G 323 5.14 5.02 3.44
CA ARG G 323 5.26 6.44 3.83
C ARG G 323 6.71 6.85 4.15
N THR G 324 7.07 8.05 3.69
CA THR G 324 8.37 8.66 3.98
C THR G 324 8.43 9.10 5.45
N VAL G 325 9.37 8.53 6.18
CA VAL G 325 9.59 8.83 7.59
C VAL G 325 10.92 9.55 7.87
N GLY G 326 11.79 9.63 6.87
CA GLY G 326 13.06 10.33 7.03
C GLY G 326 13.79 10.54 5.72
N ALA G 327 14.83 11.32 5.76
CA ALA G 327 15.64 11.61 4.61
C ALA G 327 17.07 11.64 5.02
N GLY G 328 17.96 11.14 4.18
CA GLY G 328 19.38 11.08 4.52
C GLY G 328 20.36 11.28 3.39
N VAL G 329 21.63 11.38 3.76
CA VAL G 329 22.72 11.45 2.83
C VAL G 329 23.83 10.50 3.28
N VAL G 330 24.48 9.88 2.31
CA VAL G 330 25.56 8.94 2.57
C VAL G 330 26.79 9.76 2.91
N ALA G 331 27.24 9.60 4.14
CA ALA G 331 28.38 10.38 4.66
C ALA G 331 29.68 9.70 4.24
N LYS G 332 29.78 8.42 4.58
CA LYS G 332 30.95 7.62 4.33
C LYS G 332 30.55 6.19 4.01
N VAL G 333 30.91 5.74 2.82
CA VAL G 333 30.79 4.34 2.51
C VAL G 333 31.79 3.51 3.32
N LEU G 334 31.36 2.31 3.73
CA LEU G 334 32.18 1.44 4.58
C LEU G 334 32.51 0.08 3.93
N GLY G 335 31.54 -0.61 3.33
CA GLY G 335 31.88 -1.76 2.49
C GLY G 335 30.68 -2.61 2.13
N ASP H 2 16.85 -12.22 8.88
CA ASP H 2 15.47 -12.81 8.95
C ASP H 2 14.44 -11.93 8.20
N ILE H 3 14.15 -12.25 6.95
CA ILE H 3 13.36 -11.35 6.13
C ILE H 3 11.88 -11.66 6.17
N TRP H 4 11.49 -12.75 6.85
CA TRP H 4 10.12 -13.27 6.74
C TRP H 4 9.01 -12.24 7.12
N PRO H 5 9.22 -11.45 8.18
CA PRO H 5 8.10 -10.57 8.56
C PRO H 5 7.73 -9.53 7.49
N GLU H 6 8.74 -8.97 6.83
CA GLU H 6 8.51 -7.98 5.77
C GLU H 6 8.11 -8.69 4.51
N PHE H 7 8.60 -9.91 4.33
CA PHE H 7 8.24 -10.72 3.21
C PHE H 7 6.73 -11.03 3.25
N GLN H 8 6.19 -11.30 4.45
CA GLN H 8 4.76 -11.66 4.65
C GLN H 8 3.90 -10.47 4.32
N ARG H 9 4.34 -9.29 4.77
CA ARG H 9 3.66 -8.03 4.48
C ARG H 9 3.55 -7.80 2.98
N ASP H 10 4.65 -7.99 2.26
CA ASP H 10 4.66 -7.90 0.82
C ASP H 10 3.74 -8.93 0.18
N LEU H 11 3.76 -10.15 0.69
CA LEU H 11 2.94 -11.21 0.15
C LEU H 11 1.45 -10.96 0.30
N GLU H 12 1.08 -10.42 1.44
CA GLU H 12 -0.30 -10.02 1.70
C GLU H 12 -0.76 -8.91 0.76
N MSE H 13 0.12 -7.92 0.53
CA MSE H 13 -0.08 -6.84 -0.43
C MSE H 13 -0.18 -7.42 -1.83
O MSE H 13 -1.04 -7.04 -2.57
CB MSE H 13 1.04 -5.82 -0.45
CG MSE H 13 0.47 -4.43 -0.16
SE MSE H 13 1.99 -3.16 -0.13
CE MSE H 13 2.75 -3.57 1.66
N TYR H 14 0.67 -8.38 -2.17
CA TYR H 14 0.56 -9.02 -3.48
C TYR H 14 -0.81 -9.71 -3.66
N ARG H 15 -1.23 -10.46 -2.67
CA ARG H 15 -2.51 -11.14 -2.74
C ARG H 15 -3.64 -10.14 -2.94
N ASP H 16 -3.65 -9.05 -2.20
CA ASP H 16 -4.70 -8.06 -2.30
C ASP H 16 -4.72 -7.32 -3.62
N VAL H 17 -3.57 -6.94 -4.13
CA VAL H 17 -3.56 -6.20 -5.36
C VAL H 17 -3.93 -7.05 -6.55
N VAL H 18 -3.48 -8.30 -6.56
CA VAL H 18 -3.79 -9.21 -7.67
C VAL H 18 -5.30 -9.48 -7.70
N LEU H 19 -5.88 -9.72 -6.54
CA LEU H 19 -7.31 -9.91 -6.43
C LEU H 19 -8.05 -8.76 -7.10
N SER H 20 -7.62 -7.54 -6.79
CA SER H 20 -8.22 -6.32 -7.32
C SER H 20 -8.01 -6.12 -8.85
N ILE H 21 -6.82 -6.40 -9.31
CA ILE H 21 -6.51 -6.29 -10.72
C ILE H 21 -7.38 -7.26 -11.52
N LYS H 22 -7.53 -8.49 -11.05
CA LYS H 22 -8.35 -9.48 -11.76
C LYS H 22 -9.82 -9.04 -11.89
N ARG H 23 -10.30 -8.39 -10.84
CA ARG H 23 -11.64 -7.85 -10.87
C ARG H 23 -11.73 -6.75 -11.90
N ASN H 24 -10.74 -5.89 -11.92
CA ASN H 24 -10.78 -4.83 -12.89
C ASN H 24 -10.75 -5.40 -14.30
N LEU H 25 -9.93 -6.43 -14.53
CA LEU H 25 -9.85 -7.11 -15.81
C LEU H 25 -11.19 -7.69 -16.26
N ARG H 26 -11.99 -8.23 -15.31
CA ARG H 26 -13.31 -8.73 -15.63
C ARG H 26 -14.19 -7.60 -16.18
N LEU H 27 -14.19 -6.43 -15.55
CA LEU H 27 -14.92 -5.28 -16.07
C LEU H 27 -14.45 -4.82 -17.44
N TYR H 28 -13.14 -4.82 -17.70
CA TYR H 28 -12.64 -4.43 -19.02
C TYR H 28 -13.18 -5.44 -20.02
N GLU H 29 -13.14 -6.71 -19.68
CA GLU H 29 -13.58 -7.77 -20.57
C GLU H 29 -15.05 -7.62 -20.95
N GLU H 30 -15.87 -7.35 -19.96
CA GLU H 30 -17.30 -7.18 -20.19
C GLU H 30 -17.57 -5.95 -21.05
N CYS H 31 -16.98 -4.83 -20.67
CA CYS H 31 -17.16 -3.55 -21.40
C CYS H 31 -16.73 -3.64 -22.88
N ILE H 32 -15.64 -4.35 -23.13
CA ILE H 32 -15.16 -4.60 -24.47
C ILE H 32 -16.11 -5.51 -25.25
N GLU H 33 -16.65 -6.57 -24.63
CA GLU H 33 -17.61 -7.47 -25.30
C GLU H 33 -18.82 -6.68 -25.83
N SER H 34 -19.26 -5.72 -25.03
CA SER H 34 -20.38 -4.85 -25.32
C SER H 34 -20.08 -3.82 -26.42
N LEU H 35 -18.89 -3.23 -26.42
CA LEU H 35 -18.44 -2.31 -27.48
C LEU H 35 -18.31 -2.98 -28.81
N VAL H 36 -17.73 -4.17 -28.79
CA VAL H 36 -17.63 -5.01 -29.98
C VAL H 36 -19.05 -5.24 -30.53
N HIS H 37 -19.99 -5.64 -29.67
CA HIS H 37 -21.38 -5.85 -30.07
C HIS H 37 -22.00 -4.61 -30.69
N GLN H 38 -21.85 -3.46 -30.02
CA GLN H 38 -22.39 -2.17 -30.52
C GLN H 38 -21.80 -1.78 -31.86
N ILE H 39 -20.48 -1.85 -31.97
CA ILE H 39 -19.78 -1.52 -33.21
C ILE H 39 -20.28 -2.36 -34.38
N GLY H 40 -20.52 -3.65 -34.11
CA GLY H 40 -21.01 -4.58 -35.12
C GLY H 40 -22.47 -4.38 -35.50
N SER H 41 -23.18 -3.56 -34.73
CA SER H 41 -24.58 -3.27 -34.97
C SER H 41 -24.78 -1.86 -35.48
N THR H 42 -23.75 -1.13 -35.88
CA THR H 42 -23.97 0.23 -36.36
C THR H 42 -23.13 0.51 -37.60
N ASN H 43 -23.39 1.63 -38.26
CA ASN H 43 -22.62 1.97 -39.44
C ASN H 43 -21.20 2.50 -39.12
N PHE H 44 -20.34 2.53 -40.13
CA PHE H 44 -18.96 2.90 -39.90
C PHE H 44 -18.79 4.28 -39.31
N ASP H 45 -19.48 5.27 -39.83
CA ASP H 45 -19.33 6.62 -39.29
C ASP H 45 -19.67 6.73 -37.80
N ASN H 46 -20.79 6.12 -37.43
CA ASN H 46 -21.30 6.20 -36.06
C ASN H 46 -20.45 5.38 -35.08
N ALA H 47 -19.68 4.45 -35.65
CA ALA H 47 -18.79 3.57 -34.89
C ALA H 47 -17.50 4.25 -34.44
N GLN H 48 -17.17 5.41 -34.99
CA GLN H 48 -15.87 5.99 -34.70
C GLN H 48 -15.66 6.35 -33.22
N PRO H 49 -16.68 6.96 -32.58
CA PRO H 49 -16.44 7.26 -31.17
C PRO H 49 -16.41 5.98 -30.32
N LEU H 50 -17.02 4.92 -30.83
CA LEU H 50 -17.03 3.66 -30.14
C LEU H 50 -15.69 3.00 -30.27
N PHE H 51 -15.07 3.12 -31.44
CA PHE H 51 -13.74 2.61 -31.67
C PHE H 51 -12.75 3.39 -30.84
N ASP H 52 -12.95 4.70 -30.69
CA ASP H 52 -12.05 5.52 -29.88
C ASP H 52 -11.99 5.00 -28.43
N ASP H 53 -13.15 4.67 -27.87
CA ASP H 53 -13.25 4.03 -26.53
C ASP H 53 -12.60 2.65 -26.51
N LEU H 54 -12.89 1.83 -27.52
CA LEU H 54 -12.32 0.50 -27.60
C LEU H 54 -10.81 0.54 -27.64
N PHE H 55 -10.23 1.36 -28.50
CA PHE H 55 -8.77 1.43 -28.56
C PHE H 55 -8.11 2.09 -27.37
N ARG H 56 -8.84 3.00 -26.72
CA ARG H 56 -8.36 3.65 -25.51
C ARG H 56 -8.19 2.59 -24.43
N MSE H 57 -9.14 1.67 -24.38
CA MSE H 57 -9.07 0.57 -23.43
C MSE H 57 -7.95 -0.38 -23.72
O MSE H 57 -7.31 -0.83 -22.83
CB MSE H 57 -10.41 -0.16 -23.37
CG MSE H 57 -11.44 0.69 -22.64
SE MSE H 57 -13.12 -0.32 -22.37
CE MSE H 57 -13.70 0.50 -20.66
N GLN H 58 -7.79 -0.74 -24.99
CA GLN H 58 -6.70 -1.57 -25.39
C GLN H 58 -5.39 -0.92 -24.97
N SER H 59 -5.29 0.39 -25.14
CA SER H 59 -4.05 1.13 -24.84
C SER H 59 -3.72 1.07 -23.40
N GLU H 60 -4.73 1.09 -22.56
CA GLU H 60 -4.51 0.99 -21.16
C GLU H 60 -4.09 -0.43 -20.81
N LEU H 61 -4.70 -1.42 -21.47
CA LEU H 61 -4.36 -2.81 -21.21
C LEU H 61 -2.93 -3.09 -21.70
N ALA H 62 -2.53 -2.47 -22.79
CA ALA H 62 -1.15 -2.57 -23.25
C ALA H 62 -0.16 -1.93 -22.27
N THR H 63 -0.53 -0.82 -21.64
CA THR H 63 0.29 -0.18 -20.64
C THR H 63 0.45 -1.14 -19.47
N MSE H 64 -0.64 -1.81 -19.10
CA MSE H 64 -0.54 -2.77 -18.04
C MSE H 64 0.48 -3.85 -18.35
O MSE H 64 1.24 -4.25 -17.48
CB MSE H 64 -1.91 -3.39 -17.78
CG MSE H 64 -1.85 -4.70 -17.02
SE MSE H 64 -3.59 -5.56 -17.22
CE MSE H 64 -3.29 -6.41 -18.97
N LEU H 65 0.45 -4.37 -19.57
CA LEU H 65 1.31 -5.49 -19.96
C LEU H 65 2.79 -5.07 -20.04
N TYR H 66 3.05 -3.92 -20.65
CA TYR H 66 4.42 -3.54 -20.98
C TYR H 66 5.02 -2.67 -19.91
N LYS H 67 4.30 -1.71 -19.37
CA LYS H 67 4.90 -0.84 -18.37
C LYS H 67 4.95 -1.48 -16.99
N TYR H 68 3.87 -2.12 -16.55
CA TYR H 68 3.82 -2.64 -15.21
C TYR H 68 4.05 -4.13 -15.19
N GLU H 69 4.07 -4.77 -16.36
CA GLU H 69 4.38 -6.19 -16.48
C GLU H 69 3.39 -7.11 -15.78
N TYR H 70 2.12 -6.74 -15.79
CA TYR H 70 1.11 -7.67 -15.36
C TYR H 70 0.67 -8.46 -16.58
N LYS H 71 0.87 -9.77 -16.54
CA LYS H 71 0.53 -10.64 -17.67
C LYS H 71 -0.89 -11.19 -17.46
N PRO H 72 -1.86 -10.82 -18.31
CA PRO H 72 -3.25 -11.21 -18.06
C PRO H 72 -3.61 -12.57 -18.67
N GLY H 73 -4.87 -13.00 -18.56
CA GLY H 73 -5.34 -14.21 -19.22
C GLY H 73 -5.25 -14.14 -20.74
N LYS H 74 -5.09 -15.30 -21.38
CA LYS H 74 -4.93 -15.40 -22.85
C LYS H 74 -5.91 -14.58 -23.65
N ARG H 75 -7.15 -14.51 -23.22
CA ARG H 75 -8.13 -13.72 -23.91
C ARG H 75 -7.76 -12.25 -24.05
N ILE H 76 -7.42 -11.64 -22.92
CA ILE H 76 -6.95 -10.26 -22.88
C ILE H 76 -5.59 -10.11 -23.60
N GLN H 77 -4.67 -11.06 -23.48
CA GLN H 77 -3.42 -11.02 -24.25
C GLN H 77 -3.65 -11.01 -25.76
N ASP H 78 -4.54 -11.86 -26.24
CA ASP H 78 -4.90 -11.86 -27.65
C ASP H 78 -5.54 -10.57 -28.05
N LEU H 79 -6.42 -10.04 -27.21
CA LEU H 79 -6.99 -8.75 -27.48
C LEU H 79 -5.95 -7.63 -27.58
N ILE H 80 -4.99 -7.59 -26.66
CA ILE H 80 -3.93 -6.57 -26.68
C ILE H 80 -3.13 -6.62 -27.99
N TYR H 81 -2.84 -7.82 -28.47
CA TYR H 81 -2.17 -7.97 -29.77
C TYR H 81 -3.08 -7.51 -30.93
N HIS H 82 -4.19 -8.17 -31.10
CA HIS H 82 -5.06 -7.89 -32.28
C HIS H 82 -5.53 -6.45 -32.43
N LEU H 83 -5.76 -5.75 -31.32
CA LEU H 83 -6.30 -4.39 -31.35
C LEU H 83 -5.29 -3.29 -31.13
N ASP H 84 -4.01 -3.62 -31.17
CA ASP H 84 -2.95 -2.63 -30.97
C ASP H 84 -2.93 -1.58 -32.06
N ARG H 85 -3.01 -2.02 -33.29
CA ARG H 85 -3.01 -1.11 -34.40
C ARG H 85 -4.34 -0.40 -34.56
N ASP H 86 -4.31 0.93 -34.51
CA ASP H 86 -5.49 1.77 -34.50
C ASP H 86 -5.34 2.80 -35.60
N ASP H 87 -5.96 2.54 -36.73
CA ASP H 87 -6.03 3.53 -37.79
C ASP H 87 -7.29 3.27 -38.61
N PHE H 88 -7.50 4.08 -39.64
CA PHE H 88 -8.63 3.91 -40.57
C PHE H 88 -8.74 2.49 -41.14
N TYR H 89 -7.60 1.91 -41.50
CA TYR H 89 -7.55 0.64 -42.23
C TYR H 89 -7.79 -0.52 -41.31
N SER H 90 -7.35 -0.43 -40.05
CA SER H 90 -7.66 -1.50 -39.10
C SER H 90 -9.12 -1.37 -38.66
N ARG H 91 -9.60 -0.14 -38.50
CA ARG H 91 -11.03 0.07 -38.17
C ARG H 91 -11.98 -0.48 -39.23
N LYS H 92 -11.63 -0.27 -40.50
CA LYS H 92 -12.43 -0.79 -41.59
C LYS H 92 -12.50 -2.32 -41.46
N TYR H 93 -11.35 -2.96 -41.21
CA TYR H 93 -11.27 -4.41 -41.08
C TYR H 93 -12.09 -4.92 -39.89
N TRP H 94 -11.92 -4.31 -38.73
CA TRP H 94 -12.61 -4.79 -37.53
C TRP H 94 -14.10 -4.53 -37.62
N HIS H 95 -14.49 -3.39 -38.19
CA HIS H 95 -15.92 -3.12 -38.33
C HIS H 95 -16.60 -4.21 -39.16
N LYS H 96 -15.98 -4.56 -40.27
CA LYS H 96 -16.51 -5.60 -41.12
C LYS H 96 -16.65 -6.89 -40.36
N LYS H 97 -15.59 -7.30 -39.68
CA LYS H 97 -15.60 -8.59 -38.97
C LYS H 97 -16.66 -8.61 -37.86
N PHE H 98 -16.76 -7.51 -37.11
CA PHE H 98 -17.71 -7.45 -35.98
C PHE H 98 -19.16 -7.39 -36.51
N SER H 99 -19.41 -6.67 -37.60
CA SER H 99 -20.71 -6.68 -38.31
C SER H 99 -21.12 -8.08 -38.78
N ASP H 100 -20.18 -8.89 -39.24
CA ASP H 100 -20.48 -10.27 -39.66
C ASP H 100 -20.66 -11.25 -38.50
N GLY H 101 -20.60 -10.75 -37.26
CA GLY H 101 -20.86 -11.56 -36.07
C GLY H 101 -19.67 -11.95 -35.21
N LEU H 102 -18.48 -11.38 -35.43
CA LEU H 102 -17.35 -11.64 -34.56
C LEU H 102 -17.54 -10.95 -33.20
N ALA H 103 -17.50 -11.73 -32.12
CA ALA H 103 -17.82 -11.27 -30.76
C ALA H 103 -16.58 -10.84 -29.95
N TRP H 104 -15.41 -11.27 -30.38
CA TRP H 104 -14.16 -10.97 -29.68
C TRP H 104 -13.02 -11.04 -30.70
N PRO H 105 -12.04 -10.15 -30.61
CA PRO H 105 -10.97 -10.18 -31.64
C PRO H 105 -10.20 -11.50 -31.81
N GLU H 106 -10.17 -11.97 -33.03
CA GLU H 106 -9.56 -13.24 -33.38
C GLU H 106 -8.87 -13.09 -34.75
N ALA H 107 -8.03 -14.03 -35.16
CA ALA H 107 -7.23 -13.84 -36.39
C ALA H 107 -7.70 -14.63 -37.61
PB GDP I . -28.30 15.08 29.75
O1B GDP I . -29.21 14.45 28.74
O2B GDP I . -27.17 14.24 30.21
O3B GDP I . -27.88 16.44 29.30
O3A GDP I . -29.17 15.21 31.06
PA GDP I . -28.61 15.57 32.48
O1A GDP I . -28.59 14.37 33.39
O2A GDP I . -27.26 16.11 32.21
O5' GDP I . -29.58 16.69 33.01
C5' GDP I . -29.19 18.05 33.28
C4' GDP I . -30.01 18.59 34.43
O4' GDP I . -31.39 18.17 34.30
C3' GDP I . -29.55 18.11 35.81
O3' GDP I . -28.79 19.13 36.45
C2' GDP I . -30.85 17.83 36.58
O2' GDP I . -30.98 18.68 37.71
C1' GDP I . -31.96 18.14 35.59
N9 GDP I . -33.02 17.10 35.60
C8 GDP I . -32.95 15.86 35.02
N7 GDP I . -33.99 15.10 35.28
C5 GDP I . -34.80 15.89 36.08
C6 GDP I . -36.09 15.65 36.69
O6 GDP I . -36.75 14.61 36.62
N1 GDP I . -36.56 16.74 37.40
C2 GDP I . -35.90 17.93 37.54
N2 GDP I . -36.52 18.88 38.25
N3 GDP I . -34.71 18.19 36.99
C4 GDP I . -34.22 17.14 36.28
PB GDP J . 20.02 35.31 12.38
O1B GDP J . 19.31 34.75 13.59
O2B GDP J . 21.34 34.62 12.22
O3B GDP J . 19.19 35.36 11.16
O3A GDP J . 20.38 36.82 12.62
PA GDP J . 19.48 38.07 12.25
O1A GDP J . 18.09 37.58 12.37
O2A GDP J . 19.79 38.56 10.85
O5' GDP J . 19.83 39.15 13.34
C5' GDP J . 18.93 39.45 14.43
C4' GDP J . 19.43 40.67 15.16
O4' GDP J . 20.86 40.69 15.13
C3' GDP J . 18.96 41.99 14.57
O3' GDP J . 17.84 42.48 15.28
C2' GDP J . 20.17 42.93 14.73
O2' GDP J . 19.96 43.90 15.75
C1' GDP J . 21.34 42.02 15.12
N9 GDP J . 22.44 42.11 14.16
C8 GDP J . 22.55 41.45 12.96
N7 GDP J . 23.60 41.79 12.26
C5 GDP J . 24.24 42.74 13.04
C6 GDP J . 25.48 43.52 12.83
O6 GDP J . 26.21 43.49 11.85
N1 GDP J . 25.75 44.36 13.89
C2 GDP J . 24.98 44.49 15.02
N2 GDP J . 25.38 45.38 15.93
N3 GDP J . 23.86 43.79 15.24
C4 GDP J . 23.54 42.94 14.23
#